data_6AHO
#
_entry.id   6AHO
#
_cell.length_a   116.623
_cell.length_b   116.623
_cell.length_c   189.015
_cell.angle_alpha   90.00
_cell.angle_beta   90.00
_cell.angle_gamma   120.00
#
_symmetry.space_group_name_H-M   'P 31 2 1'
#
_entity_poly.entity_id   1
_entity_poly.type   'polypeptide(L)'
_entity_poly.pdbx_seq_one_letter_code
;GPLGSMDINELIIGAQSADKHTREVAETQLLQWCDSDASQVFKALANVALQHEASLESRQFALLSLRKLITMYWSPGFES
YRSTSNVEIDVKDFIREVLLKLCLNDNENTKIKNGASYCIVQISAVDFPDQWPQLLTVIYDAISHQHSLNAMSLLNEIYD
DVVSEEMFFEGGIGLATMEIVFKVLNTETSTLIAKIAALKLLKACLLQMSSHNEYDEASRKSFVSQCLATSLQILGQLLT
LNFGNVDVISQLKFKSIIYENLVFIKNDFSRKHFSSELQKQFKIMAIQDLENVTHINANVETTESEPLLETVHDCSIYIV
EFLTSVCTLQFSVEEMNKIITSLTILCQLSSETREIWTSDFNTFVSKETGLAASYNVRDQANEFFTSLPNPQLSLIFKVV
SNDIEHSTCNYSTLESLLYLLQCILLNDDEITGENIDQSLQILIKTLENILVSQEIPELILARAILTIPRVLDKFIDALP
DIKPLTSAFLAKSLNLALKSDKELIKSATLIAFTYYCYFAELDSVLGPEVCSETQEKVIRIINQVSSDAEEDTNGALMEV
LSQVISYNPKEPHSRKEILQAEFHLVFTISSEDPANVQVVVQSQECLEKLLDNINMDNYKNYIELCLPSFINVLDSNNAN
NYRYSPLLSLVLEFITVFLKKKPNDGFLPDEINQYLFEPLAKVLAFSTEDETLQLATEAFSYLIFNTDTRAMEPRLMDIM
KVLERLLSLEVSDSAAMNVGPLVVAIFTRFSKEIQPLIGRILEAVVVRLIKTQNISTEQNLLSVLCFLTCNDPKQTVDFL
SSFQIDNTDALTLVMRKWIEAFEVIRGEKRIKENIVALSNLFFLNDKRLQKVVVNGNLIPYEGDLIITRSMAKKMPDRYV
QVPLYTKIIKLFVSELSFQSKQPNPEQLITSDIKQEVVNANKDDDNDDWEDVDDVLDYDKLKEYIDDDVDEEADDDSDDI
TGLMDVKESVVQLLVRFFKEVASKDVSGFHCIYETLSDSERKVLSEALL
;
_entity_poly.pdbx_strand_id   A
#
# COMPACT_ATOMS: atom_id res chain seq x y z
N ASP A 7 3.35 -14.44 -51.47
CA ASP A 7 3.97 -13.45 -50.58
C ASP A 7 3.54 -13.70 -49.15
N ILE A 8 2.36 -13.17 -48.78
CA ILE A 8 2.02 -12.96 -47.37
C ILE A 8 1.83 -14.25 -46.59
N ASN A 9 1.44 -15.35 -47.24
CA ASN A 9 1.22 -16.59 -46.49
C ASN A 9 2.54 -17.16 -45.97
N GLU A 10 3.48 -17.46 -46.86
CA GLU A 10 4.81 -17.88 -46.42
C GLU A 10 5.68 -16.71 -45.98
N LEU A 11 5.16 -15.48 -46.06
CA LEU A 11 5.81 -14.30 -45.49
C LEU A 11 5.90 -14.42 -43.96
N ILE A 12 4.89 -15.03 -43.35
CA ILE A 12 4.91 -15.36 -41.93
C ILE A 12 4.99 -16.87 -41.66
N ILE A 13 4.97 -17.74 -42.67
CA ILE A 13 5.31 -19.15 -42.39
C ILE A 13 6.55 -19.20 -41.51
N GLY A 14 7.46 -18.24 -41.72
CA GLY A 14 8.59 -18.01 -40.84
C GLY A 14 8.25 -17.35 -39.52
N ALA A 15 7.55 -16.20 -39.56
CA ALA A 15 7.36 -15.44 -38.32
C ALA A 15 6.51 -16.21 -37.30
N GLN A 16 5.70 -17.17 -37.74
CA GLN A 16 5.03 -18.08 -36.81
C GLN A 16 5.85 -19.36 -36.65
N LYS A 20 15.22 -19.42 -34.86
CA LYS A 20 14.52 -18.24 -34.39
C LYS A 20 15.14 -16.93 -34.90
N HIS A 21 16.22 -17.03 -35.69
CA HIS A 21 16.61 -15.90 -36.52
C HIS A 21 15.51 -15.60 -37.53
N THR A 22 14.90 -16.66 -38.08
CA THR A 22 13.92 -16.57 -39.15
C THR A 22 12.61 -15.90 -38.72
N ARG A 23 12.37 -15.71 -37.43
CA ARG A 23 11.08 -15.16 -37.04
C ARG A 23 11.14 -13.65 -37.21
N GLU A 24 12.24 -13.06 -36.71
CA GLU A 24 12.36 -11.62 -36.74
C GLU A 24 12.71 -11.16 -38.14
N VAL A 25 13.15 -12.08 -39.02
CA VAL A 25 13.32 -11.66 -40.42
C VAL A 25 12.08 -10.90 -40.81
N ALA A 26 10.96 -11.48 -40.45
CA ALA A 26 9.64 -11.05 -40.88
C ALA A 26 8.95 -10.13 -39.87
N GLU A 27 9.06 -10.41 -38.56
CA GLU A 27 8.24 -9.69 -37.59
C GLU A 27 8.57 -8.20 -37.58
N THR A 28 9.83 -7.79 -37.98
CA THR A 28 9.99 -6.38 -38.38
C THR A 28 10.01 -6.21 -39.88
N GLN A 29 10.44 -7.21 -40.67
CA GLN A 29 10.19 -7.12 -42.11
C GLN A 29 8.80 -6.58 -42.36
N LEU A 30 7.82 -7.27 -41.76
CA LEU A 30 6.42 -7.07 -42.13
C LEU A 30 5.86 -5.82 -41.52
N LEU A 31 6.22 -5.55 -40.27
CA LEU A 31 5.77 -4.33 -39.66
C LEU A 31 6.05 -3.16 -40.57
N GLN A 32 7.23 -3.15 -41.21
CA GLN A 32 7.55 -2.18 -42.25
C GLN A 32 6.36 -1.99 -43.18
N TRP A 33 5.96 -3.08 -43.86
CA TRP A 33 4.91 -3.06 -44.88
C TRP A 33 3.72 -2.21 -44.50
N CYS A 34 3.08 -2.55 -43.38
CA CYS A 34 1.87 -1.88 -42.96
C CYS A 34 2.07 -0.38 -42.79
N ASP A 35 3.25 0.03 -42.32
CA ASP A 35 3.51 1.46 -42.23
C ASP A 35 3.56 2.09 -43.61
N SER A 36 4.04 1.34 -44.61
CA SER A 36 4.00 1.78 -46.00
C SER A 36 2.55 1.85 -46.50
N ASP A 37 1.87 0.70 -46.58
CA ASP A 37 0.49 0.59 -47.05
C ASP A 37 -0.24 -0.35 -46.09
N ALA A 38 -0.98 0.21 -45.13
CA ALA A 38 -1.64 -0.61 -44.10
C ALA A 38 -2.96 -1.21 -44.58
N SER A 39 -3.70 -0.47 -45.40
CA SER A 39 -5.09 -0.81 -45.66
C SER A 39 -5.23 -2.18 -46.32
N GLN A 40 -4.20 -2.63 -47.01
CA GLN A 40 -4.31 -3.92 -47.69
C GLN A 40 -3.16 -4.85 -47.33
N VAL A 41 -2.49 -4.57 -46.21
CA VAL A 41 -1.83 -5.63 -45.46
C VAL A 41 -2.83 -6.24 -44.46
N PHE A 42 -3.73 -5.42 -43.91
CA PHE A 42 -4.83 -5.95 -43.13
C PHE A 42 -5.74 -6.84 -43.96
N LYS A 43 -6.27 -6.28 -45.06
CA LYS A 43 -7.10 -7.07 -45.98
C LYS A 43 -6.42 -8.36 -46.37
N ALA A 44 -5.10 -8.32 -46.57
CA ALA A 44 -4.37 -9.57 -46.85
C ALA A 44 -4.34 -10.46 -45.62
N LEU A 45 -4.05 -9.87 -44.46
CA LEU A 45 -4.04 -10.63 -43.21
C LEU A 45 -5.42 -11.18 -42.90
N ALA A 46 -6.43 -10.31 -42.95
CA ALA A 46 -7.82 -10.72 -42.78
C ALA A 46 -8.18 -11.85 -43.74
N ASN A 47 -7.77 -11.71 -45.01
CA ASN A 47 -8.17 -12.71 -45.99
C ASN A 47 -7.62 -14.07 -45.63
N VAL A 48 -6.48 -14.14 -44.95
CA VAL A 48 -5.95 -15.44 -44.58
C VAL A 48 -6.74 -16.03 -43.42
N ALA A 49 -7.23 -15.20 -42.50
CA ALA A 49 -8.06 -15.73 -41.43
C ALA A 49 -9.43 -16.17 -41.94
N LEU A 50 -9.95 -15.48 -42.95
CA LEU A 50 -11.23 -15.87 -43.53
C LEU A 50 -11.17 -17.24 -44.19
N GLN A 51 -10.02 -17.61 -44.76
CA GLN A 51 -9.90 -18.83 -45.58
C GLN A 51 -9.85 -20.08 -44.70
N HIS A 52 -10.86 -20.94 -44.80
CA HIS A 52 -10.82 -22.23 -44.13
C HIS A 52 -9.68 -23.10 -44.64
N GLU A 53 -9.18 -22.80 -45.85
CA GLU A 53 -8.03 -23.46 -46.46
C GLU A 53 -6.71 -23.10 -45.78
N ALA A 54 -6.59 -23.26 -44.47
CA ALA A 54 -5.35 -22.85 -43.83
C ALA A 54 -5.13 -23.63 -42.54
N SER A 55 -3.87 -23.89 -42.25
CA SER A 55 -3.47 -24.35 -40.93
C SER A 55 -4.12 -23.44 -39.89
N LEU A 56 -4.95 -24.04 -39.05
CA LEU A 56 -5.56 -23.33 -37.93
C LEU A 56 -4.51 -22.53 -37.18
N GLU A 57 -3.25 -22.95 -37.27
CA GLU A 57 -2.15 -22.24 -36.66
C GLU A 57 -1.90 -20.89 -37.34
N SER A 58 -1.82 -20.89 -38.68
CA SER A 58 -1.59 -19.64 -39.40
C SER A 58 -2.80 -18.72 -39.29
N ARG A 59 -4.01 -19.26 -39.46
CA ARG A 59 -5.21 -18.48 -39.22
C ARG A 59 -5.23 -17.90 -37.80
N GLN A 60 -4.94 -18.74 -36.81
CA GLN A 60 -4.94 -18.26 -35.43
C GLN A 60 -3.90 -17.16 -35.23
N PHE A 61 -2.68 -17.40 -35.68
CA PHE A 61 -1.70 -16.34 -35.54
C PHE A 61 -2.06 -15.16 -36.44
N ALA A 62 -2.61 -15.41 -37.64
CA ALA A 62 -3.11 -14.31 -38.45
C ALA A 62 -4.01 -13.39 -37.63
N LEU A 63 -4.93 -13.97 -36.85
CA LEU A 63 -5.87 -13.16 -36.08
C LEU A 63 -5.19 -12.43 -34.93
N LEU A 64 -4.24 -13.10 -34.26
CA LEU A 64 -3.55 -12.49 -33.12
C LEU A 64 -2.40 -11.60 -33.57
N SER A 65 -1.80 -11.90 -34.72
CA SER A 65 -0.96 -10.89 -35.36
C SER A 65 -1.79 -9.69 -35.77
N LEU A 66 -2.91 -9.95 -36.45
CA LEU A 66 -3.92 -8.91 -36.64
C LEU A 66 -4.21 -8.23 -35.32
N ARG A 67 -4.68 -9.00 -34.31
CA ARG A 67 -4.97 -8.49 -32.97
C ARG A 67 -4.03 -7.35 -32.51
N LYS A 68 -2.73 -7.62 -32.36
CA LYS A 68 -1.81 -6.57 -31.88
C LYS A 68 -1.79 -5.40 -32.86
N LEU A 69 -1.65 -5.72 -34.14
CA LEU A 69 -1.61 -4.75 -35.21
C LEU A 69 -2.71 -3.69 -35.11
N ILE A 70 -3.95 -4.11 -34.83
CA ILE A 70 -5.08 -3.19 -34.98
C ILE A 70 -4.90 -1.97 -34.10
N THR A 71 -4.54 -2.17 -32.83
CA THR A 71 -4.59 -1.04 -31.90
C THR A 71 -3.56 0.02 -32.22
N MET A 72 -2.74 -0.18 -33.23
CA MET A 72 -1.80 0.80 -33.75
C MET A 72 -2.41 1.69 -34.84
N TYR A 73 -2.86 1.11 -35.96
CA TYR A 73 -3.28 1.88 -37.14
C TYR A 73 -4.78 2.06 -37.28
N TRP A 74 -5.57 1.54 -36.34
CA TRP A 74 -7.00 1.64 -36.55
C TRP A 74 -7.48 3.07 -36.34
N SER A 75 -7.28 3.60 -35.15
CA SER A 75 -7.69 4.95 -34.78
C SER A 75 -6.99 5.28 -33.47
N PRO A 76 -6.02 6.23 -33.46
CA PRO A 76 -5.35 6.53 -32.19
C PRO A 76 -6.40 6.88 -31.13
N GLY A 77 -6.62 6.03 -30.11
CA GLY A 77 -5.76 4.90 -29.81
C GLY A 77 -4.72 5.48 -28.87
N PHE A 78 -3.86 4.66 -28.26
CA PHE A 78 -2.76 5.24 -27.49
C PHE A 78 -1.40 4.73 -27.94
N GLU A 79 -1.28 3.99 -29.05
CA GLU A 79 0.09 3.84 -29.55
C GLU A 79 0.20 3.55 -31.05
N SER A 80 -0.27 4.49 -31.87
CA SER A 80 -0.11 4.43 -33.31
C SER A 80 1.35 4.38 -33.76
N ASN A 86 -4.19 5.69 -41.23
CA ASN A 86 -3.17 4.91 -41.91
C ASN A 86 -3.80 3.67 -42.56
N VAL A 87 -5.08 3.40 -42.24
CA VAL A 87 -5.83 2.28 -42.79
C VAL A 87 -7.17 2.81 -43.33
N GLU A 88 -7.63 2.23 -44.45
CA GLU A 88 -8.70 2.82 -45.26
C GLU A 88 -10.08 2.40 -44.74
N ILE A 89 -11.08 3.25 -44.98
CA ILE A 89 -12.37 3.14 -44.29
C ILE A 89 -13.12 1.89 -44.71
N ASP A 90 -13.06 1.53 -45.98
CA ASP A 90 -13.88 0.39 -46.37
C ASP A 90 -13.17 -0.94 -46.16
N VAL A 91 -11.86 -0.96 -45.89
CA VAL A 91 -11.22 -2.23 -45.52
C VAL A 91 -11.61 -2.59 -44.09
N LYS A 92 -11.95 -1.59 -43.28
CA LYS A 92 -12.31 -1.85 -41.89
C LYS A 92 -13.72 -2.44 -41.80
N ASP A 93 -14.65 -1.91 -42.61
CA ASP A 93 -15.96 -2.53 -42.74
C ASP A 93 -15.81 -4.00 -43.14
N PHE A 94 -14.92 -4.26 -44.09
CA PHE A 94 -14.56 -5.62 -44.45
C PHE A 94 -14.02 -6.40 -43.26
N ILE A 95 -13.10 -5.80 -42.50
CA ILE A 95 -12.45 -6.53 -41.43
C ILE A 95 -13.40 -6.76 -40.27
N ARG A 96 -14.31 -5.82 -40.03
CA ARG A 96 -15.32 -6.09 -39.02
C ARG A 96 -16.26 -7.21 -39.46
N GLU A 97 -16.64 -7.24 -40.74
CA GLU A 97 -17.59 -8.25 -41.19
C GLU A 97 -16.95 -9.64 -41.25
N VAL A 98 -15.67 -9.72 -41.62
CA VAL A 98 -14.94 -10.98 -41.51
C VAL A 98 -14.86 -11.42 -40.06
N LEU A 99 -14.65 -10.46 -39.15
CA LEU A 99 -14.54 -10.79 -37.73
C LEU A 99 -15.86 -11.29 -37.17
N LEU A 100 -16.98 -10.69 -37.61
CA LEU A 100 -18.27 -11.17 -37.13
C LEU A 100 -18.58 -12.55 -37.72
N LYS A 101 -18.15 -12.80 -38.96
CA LYS A 101 -18.38 -14.11 -39.57
C LYS A 101 -17.72 -15.20 -38.75
N LEU A 102 -16.46 -14.98 -38.35
CA LEU A 102 -15.69 -15.99 -37.64
C LEU A 102 -16.19 -16.15 -36.22
N CYS A 103 -16.42 -15.04 -35.53
CA CYS A 103 -16.59 -15.05 -34.08
C CYS A 103 -17.96 -15.56 -33.65
N LEU A 104 -19.01 -15.17 -34.36
CA LEU A 104 -20.36 -15.54 -33.96
C LEU A 104 -20.78 -16.94 -34.41
N ASN A 105 -19.95 -17.67 -35.16
CA ASN A 105 -20.33 -18.99 -35.66
C ASN A 105 -19.85 -20.05 -34.67
N ASP A 106 -20.79 -20.73 -34.01
CA ASP A 106 -20.41 -21.74 -33.02
C ASP A 106 -19.58 -22.86 -33.63
N ASN A 107 -19.86 -23.22 -34.90
CA ASN A 107 -19.20 -24.32 -35.59
C ASN A 107 -17.75 -24.03 -35.94
N GLU A 108 -17.32 -22.78 -35.90
CA GLU A 108 -15.94 -22.47 -36.22
C GLU A 108 -15.03 -22.98 -35.10
N ASN A 109 -13.72 -22.94 -35.33
CA ASN A 109 -12.80 -23.51 -34.36
C ASN A 109 -12.63 -22.55 -33.19
N THR A 110 -12.65 -23.10 -31.99
CA THR A 110 -12.71 -22.25 -30.80
C THR A 110 -11.45 -21.42 -30.60
N LYS A 111 -10.39 -21.65 -31.39
CA LYS A 111 -9.27 -20.71 -31.40
C LYS A 111 -9.45 -19.64 -32.46
N ILE A 112 -10.17 -19.95 -33.55
CA ILE A 112 -10.56 -18.90 -34.49
C ILE A 112 -11.51 -17.93 -33.83
N LYS A 113 -12.52 -18.45 -33.15
CA LYS A 113 -13.51 -17.62 -32.47
C LYS A 113 -12.84 -16.66 -31.50
N ASN A 114 -12.07 -17.20 -30.54
CA ASN A 114 -11.42 -16.35 -29.56
C ASN A 114 -10.48 -15.36 -30.23
N GLY A 115 -9.72 -15.82 -31.22
CA GLY A 115 -8.88 -14.91 -31.98
C GLY A 115 -9.68 -13.79 -32.60
N ALA A 116 -10.76 -14.15 -33.31
CA ALA A 116 -11.63 -13.12 -33.87
C ALA A 116 -12.31 -12.31 -32.77
N SER A 117 -12.66 -12.96 -31.65
CA SER A 117 -13.26 -12.26 -30.53
C SER A 117 -12.32 -11.23 -29.92
N TYR A 118 -11.00 -11.48 -29.99
CA TYR A 118 -10.04 -10.53 -29.43
C TYR A 118 -9.99 -9.26 -30.25
N CYS A 119 -9.88 -9.41 -31.58
CA CYS A 119 -9.86 -8.23 -32.42
C CYS A 119 -11.13 -7.41 -32.25
N ILE A 120 -12.29 -8.08 -32.31
CA ILE A 120 -13.57 -7.39 -32.12
C ILE A 120 -13.57 -6.58 -30.82
N VAL A 121 -13.10 -7.17 -29.71
CA VAL A 121 -13.27 -6.47 -28.44
C VAL A 121 -12.38 -5.22 -28.40
N GLN A 122 -11.24 -5.24 -29.09
CA GLN A 122 -10.42 -4.03 -29.15
C GLN A 122 -11.02 -2.99 -30.11
N ILE A 123 -11.44 -3.40 -31.33
CA ILE A 123 -12.13 -2.49 -32.23
C ILE A 123 -13.26 -1.77 -31.50
N SER A 124 -14.11 -2.54 -30.79
CA SER A 124 -15.25 -1.99 -30.09
C SER A 124 -14.83 -0.87 -29.15
N ALA A 125 -13.81 -1.13 -28.34
CA ALA A 125 -13.32 -0.10 -27.43
C ALA A 125 -13.05 1.20 -28.16
N VAL A 126 -12.39 1.12 -29.32
CA VAL A 126 -12.10 2.43 -29.93
C VAL A 126 -13.34 2.93 -30.65
N ASP A 127 -13.86 2.10 -31.55
CA ASP A 127 -14.91 2.46 -32.51
C ASP A 127 -16.37 2.38 -32.02
N PHE A 128 -16.68 1.98 -30.74
CA PHE A 128 -18.05 1.46 -30.75
C PHE A 128 -19.08 2.57 -30.95
N PRO A 129 -19.22 3.54 -30.04
CA PRO A 129 -20.39 4.44 -30.13
C PRO A 129 -20.86 4.81 -31.54
N ASP A 130 -20.00 5.45 -32.37
CA ASP A 130 -20.42 5.99 -33.66
C ASP A 130 -19.79 5.33 -34.89
N GLN A 131 -18.79 4.46 -34.71
CA GLN A 131 -18.12 3.86 -35.86
C GLN A 131 -18.41 2.36 -36.00
N TRP A 132 -19.21 1.81 -35.12
CA TRP A 132 -19.73 0.47 -35.24
C TRP A 132 -21.13 0.49 -34.64
N PRO A 133 -22.08 1.25 -35.20
CA PRO A 133 -23.37 1.41 -34.51
C PRO A 133 -24.14 0.11 -34.29
N GLN A 134 -24.10 -0.83 -35.21
CA GLN A 134 -24.92 -2.01 -35.09
C GLN A 134 -24.24 -3.16 -34.35
N LEU A 135 -23.02 -2.93 -33.82
CA LEU A 135 -22.27 -4.00 -33.19
C LEU A 135 -23.11 -4.80 -32.22
N LEU A 136 -23.93 -4.12 -31.43
CA LEU A 136 -24.76 -4.81 -30.45
C LEU A 136 -26.02 -5.39 -31.06
N THR A 137 -26.68 -4.68 -31.98
CA THR A 137 -27.85 -5.29 -32.59
C THR A 137 -27.49 -6.56 -33.37
N VAL A 138 -26.30 -6.59 -33.98
CA VAL A 138 -25.79 -7.82 -34.58
C VAL A 138 -25.67 -8.90 -33.51
N ILE A 139 -24.97 -8.58 -32.41
CA ILE A 139 -24.72 -9.55 -31.36
C ILE A 139 -26.05 -10.04 -30.76
N TYR A 140 -26.98 -9.12 -30.53
CA TYR A 140 -28.26 -9.51 -29.96
C TYR A 140 -29.03 -10.39 -30.93
N ASP A 141 -28.93 -10.11 -32.23
CA ASP A 141 -29.63 -10.93 -33.19
C ASP A 141 -28.97 -12.30 -33.30
N ALA A 142 -27.64 -12.31 -33.33
CA ALA A 142 -26.90 -13.57 -33.27
C ALA A 142 -27.36 -14.45 -32.13
N ILE A 143 -27.59 -13.88 -30.95
CA ILE A 143 -27.98 -14.67 -29.78
C ILE A 143 -29.40 -15.20 -29.94
N SER A 144 -30.33 -14.33 -30.30
CA SER A 144 -31.75 -14.65 -30.19
C SER A 144 -32.31 -15.30 -31.45
N HIS A 145 -31.72 -15.07 -32.61
CA HIS A 145 -32.24 -15.65 -33.84
C HIS A 145 -31.27 -16.57 -34.56
N GLN A 146 -29.96 -16.50 -34.31
CA GLN A 146 -29.02 -17.49 -34.82
C GLN A 146 -28.56 -18.48 -33.75
N HIS A 147 -29.15 -18.43 -32.55
CA HIS A 147 -28.81 -19.34 -31.46
C HIS A 147 -27.30 -19.40 -31.19
N SER A 148 -26.58 -18.31 -31.44
CA SER A 148 -25.14 -18.31 -31.25
C SER A 148 -24.82 -18.34 -29.76
N LEU A 149 -24.16 -19.41 -29.34
CA LEU A 149 -23.68 -19.48 -27.97
C LEU A 149 -22.49 -18.57 -27.75
N ASN A 150 -21.58 -18.48 -28.73
CA ASN A 150 -20.39 -17.68 -28.57
C ASN A 150 -20.73 -16.19 -28.56
N ALA A 151 -21.81 -15.80 -29.23
CA ALA A 151 -22.24 -14.41 -29.17
C ALA A 151 -22.55 -13.99 -27.73
N MET A 152 -23.16 -14.89 -26.95
CA MET A 152 -23.36 -14.63 -25.52
C MET A 152 -22.02 -14.38 -24.84
N SER A 153 -20.99 -15.15 -25.20
CA SER A 153 -19.69 -14.99 -24.58
C SER A 153 -19.05 -13.67 -25.02
N LEU A 154 -19.18 -13.31 -26.30
CA LEU A 154 -18.65 -12.03 -26.77
C LEU A 154 -19.37 -10.87 -26.10
N LEU A 155 -20.69 -10.95 -25.98
CA LEU A 155 -21.45 -9.92 -25.31
C LEU A 155 -20.96 -9.75 -23.88
N ASN A 156 -20.60 -10.86 -23.22
CA ASN A 156 -20.20 -10.81 -21.83
C ASN A 156 -18.84 -10.14 -21.68
N GLU A 157 -17.95 -10.32 -22.63
CA GLU A 157 -16.63 -9.73 -22.52
C GLU A 157 -16.64 -8.28 -22.95
N ILE A 158 -17.59 -7.93 -23.82
CA ILE A 158 -17.77 -6.57 -24.30
C ILE A 158 -18.38 -5.67 -23.20
N TYR A 159 -19.21 -6.25 -22.33
CA TYR A 159 -20.16 -5.51 -21.52
C TYR A 159 -19.51 -4.42 -20.67
N ASP A 160 -18.67 -4.87 -19.73
CA ASP A 160 -17.91 -4.00 -18.86
C ASP A 160 -17.41 -2.74 -19.57
N ASP A 161 -16.74 -2.92 -20.73
CA ASP A 161 -15.94 -1.85 -21.30
C ASP A 161 -16.66 -1.03 -22.36
N VAL A 162 -17.75 -1.52 -22.92
CA VAL A 162 -18.46 -0.76 -23.94
C VAL A 162 -19.92 -0.48 -23.59
N VAL A 163 -20.61 -1.28 -22.78
CA VAL A 163 -21.95 -0.88 -22.35
C VAL A 163 -21.80 0.13 -21.21
N SER A 164 -22.10 1.38 -21.51
CA SER A 164 -22.06 2.43 -20.51
C SER A 164 -23.31 2.41 -19.64
N GLU A 165 -23.21 3.07 -18.49
CA GLU A 165 -24.36 3.33 -17.62
C GLU A 165 -25.55 3.83 -18.40
N GLU A 166 -25.30 4.73 -19.35
CA GLU A 166 -26.38 5.38 -20.08
C GLU A 166 -27.01 4.49 -21.13
N MET A 167 -26.18 3.76 -21.91
CA MET A 167 -26.72 2.78 -22.85
C MET A 167 -27.48 1.67 -22.12
N PHE A 168 -26.98 1.25 -20.96
CA PHE A 168 -27.64 0.22 -20.19
C PHE A 168 -29.10 0.58 -19.90
N PHE A 169 -29.33 1.80 -19.41
CA PHE A 169 -30.64 2.18 -18.87
C PHE A 169 -31.54 2.87 -19.89
N GLU A 170 -31.10 3.98 -20.46
CA GLU A 170 -31.93 4.63 -21.47
C GLU A 170 -31.67 4.08 -22.86
N GLY A 171 -30.42 3.74 -23.19
CA GLY A 171 -30.08 3.14 -24.47
C GLY A 171 -30.71 1.77 -24.72
N GLY A 172 -31.39 1.18 -23.72
CA GLY A 172 -32.11 -0.07 -23.92
C GLY A 172 -31.25 -1.32 -23.98
N ILE A 173 -29.95 -1.20 -23.72
CA ILE A 173 -29.09 -2.38 -23.77
C ILE A 173 -29.33 -3.26 -22.56
N GLY A 174 -29.62 -2.65 -21.41
CA GLY A 174 -29.88 -3.44 -20.21
C GLY A 174 -31.19 -4.21 -20.28
N LEU A 175 -32.21 -3.64 -20.90
CA LEU A 175 -33.47 -4.36 -21.00
C LEU A 175 -33.37 -5.45 -22.07
N ALA A 176 -32.67 -5.16 -23.16
CA ALA A 176 -32.48 -6.16 -24.20
C ALA A 176 -31.68 -7.35 -23.68
N THR A 177 -30.63 -7.09 -22.89
CA THR A 177 -29.85 -8.18 -22.31
C THR A 177 -30.70 -9.01 -21.36
N MET A 178 -31.40 -8.35 -20.44
CA MET A 178 -32.17 -9.06 -19.42
C MET A 178 -33.24 -9.95 -20.05
N GLU A 179 -33.85 -9.52 -21.14
CA GLU A 179 -34.90 -10.38 -21.67
C GLU A 179 -34.30 -11.57 -22.41
N ILE A 180 -33.11 -11.41 -23.00
CA ILE A 180 -32.36 -12.55 -23.53
C ILE A 180 -31.99 -13.51 -22.40
N VAL A 181 -31.38 -12.97 -21.34
CA VAL A 181 -31.02 -13.77 -20.17
C VAL A 181 -32.22 -14.57 -19.69
N PHE A 182 -33.36 -13.90 -19.54
CA PHE A 182 -34.54 -14.56 -19.00
C PHE A 182 -35.08 -15.61 -19.95
N LYS A 183 -34.94 -15.38 -21.26
CA LYS A 183 -35.47 -16.34 -22.23
C LYS A 183 -34.67 -17.64 -22.21
N VAL A 184 -33.35 -17.57 -22.02
CA VAL A 184 -32.54 -18.78 -21.95
C VAL A 184 -32.87 -19.59 -20.70
N LEU A 185 -33.07 -18.91 -19.58
CA LEU A 185 -33.22 -19.62 -18.31
C LEU A 185 -34.63 -20.17 -18.11
N ASN A 186 -35.62 -19.63 -18.80
CA ASN A 186 -36.99 -20.13 -18.75
C ASN A 186 -37.27 -21.22 -19.78
N THR A 187 -36.31 -21.54 -20.65
CA THR A 187 -36.47 -22.57 -21.67
C THR A 187 -35.88 -23.88 -21.17
N GLU A 188 -36.72 -24.91 -21.05
CA GLU A 188 -36.27 -26.20 -20.55
C GLU A 188 -35.27 -26.87 -21.49
N THR A 189 -35.16 -26.39 -22.72
CA THR A 189 -34.35 -27.05 -23.73
C THR A 189 -33.05 -26.33 -24.05
N SER A 190 -32.80 -25.17 -23.44
CA SER A 190 -31.48 -24.55 -23.59
C SER A 190 -30.47 -25.37 -22.81
N THR A 191 -29.29 -25.59 -23.40
CA THR A 191 -28.33 -26.44 -22.72
C THR A 191 -27.85 -25.77 -21.44
N LEU A 192 -27.45 -26.61 -20.50
CA LEU A 192 -26.90 -26.09 -19.25
C LEU A 192 -25.70 -25.19 -19.52
N ILE A 193 -24.92 -25.49 -20.56
CA ILE A 193 -23.82 -24.63 -20.96
C ILE A 193 -24.34 -23.25 -21.36
N ALA A 194 -25.52 -23.20 -22.00
CA ALA A 194 -26.10 -21.91 -22.35
C ALA A 194 -26.71 -21.22 -21.14
N LYS A 195 -27.20 -21.97 -20.15
CA LYS A 195 -27.67 -21.36 -18.93
C LYS A 195 -26.51 -20.74 -18.15
N ILE A 196 -25.33 -21.37 -18.18
CA ILE A 196 -24.14 -20.73 -17.57
C ILE A 196 -23.87 -19.39 -18.22
N ALA A 197 -23.91 -19.35 -19.56
CA ALA A 197 -23.59 -18.12 -20.24
C ALA A 197 -24.59 -17.04 -19.89
N ALA A 198 -25.87 -17.42 -19.79
CA ALA A 198 -26.93 -16.50 -19.40
C ALA A 198 -26.73 -16.00 -17.98
N LEU A 199 -26.34 -16.89 -17.07
CA LEU A 199 -26.11 -16.52 -15.69
C LEU A 199 -24.92 -15.57 -15.56
N LYS A 200 -23.87 -15.76 -16.38
CA LYS A 200 -22.76 -14.81 -16.36
C LYS A 200 -23.16 -13.46 -16.93
N LEU A 201 -24.07 -13.44 -17.91
CA LEU A 201 -24.66 -12.18 -18.35
C LEU A 201 -25.49 -11.53 -17.26
N LEU A 202 -26.28 -12.34 -16.54
CA LEU A 202 -27.09 -11.81 -15.45
C LEU A 202 -26.21 -11.07 -14.44
N LYS A 203 -25.08 -11.67 -14.07
CA LYS A 203 -24.18 -11.00 -13.14
C LYS A 203 -23.65 -9.71 -13.71
N ALA A 204 -23.30 -9.70 -15.00
CA ALA A 204 -22.88 -8.45 -15.64
C ALA A 204 -23.96 -7.38 -15.52
N CYS A 205 -25.22 -7.79 -15.69
CA CYS A 205 -26.33 -6.85 -15.59
C CYS A 205 -26.53 -6.36 -14.15
N LEU A 206 -26.45 -7.27 -13.17
CA LEU A 206 -26.52 -6.88 -11.78
C LEU A 206 -25.43 -5.88 -11.43
N LEU A 207 -24.23 -6.03 -12.01
CA LEU A 207 -23.17 -5.08 -11.76
C LEU A 207 -23.54 -3.70 -12.31
N GLN A 208 -24.06 -3.62 -13.53
CA GLN A 208 -24.46 -2.33 -14.10
C GLN A 208 -25.58 -1.69 -13.27
N MET A 209 -26.51 -2.49 -12.75
CA MET A 209 -27.58 -2.01 -11.88
C MET A 209 -27.09 -1.70 -10.46
N SER A 210 -25.91 -2.16 -10.09
CA SER A 210 -25.39 -1.90 -8.76
C SER A 210 -24.76 -0.51 -8.66
N SER A 211 -24.08 -0.08 -9.73
CA SER A 211 -23.60 1.29 -9.84
C SER A 211 -24.76 2.22 -10.22
N HIS A 212 -25.90 2.05 -9.56
CA HIS A 212 -27.10 2.89 -9.65
C HIS A 212 -27.41 3.45 -11.04
N ASP A 216 -29.46 6.03 -9.61
CA ASP A 216 -30.38 6.65 -8.65
C ASP A 216 -31.60 7.27 -9.35
N GLU A 217 -31.44 7.63 -10.63
CA GLU A 217 -32.49 8.33 -11.36
C GLU A 217 -33.81 7.57 -11.33
N ALA A 218 -34.91 8.32 -11.24
CA ALA A 218 -36.21 7.74 -10.86
C ALA A 218 -36.71 6.74 -11.90
N SER A 219 -36.62 7.08 -13.17
CA SER A 219 -37.20 6.24 -14.22
C SER A 219 -36.59 4.85 -14.29
N ARG A 220 -35.45 4.62 -13.64
CA ARG A 220 -34.80 3.32 -13.67
C ARG A 220 -35.37 2.36 -12.65
N LYS A 221 -35.94 2.88 -11.56
CA LYS A 221 -36.22 2.08 -10.37
C LYS A 221 -37.28 1.02 -10.63
N SER A 222 -38.21 1.29 -11.55
CA SER A 222 -39.17 0.28 -11.97
C SER A 222 -38.48 -0.84 -12.72
N PHE A 223 -37.51 -0.48 -13.57
CA PHE A 223 -36.74 -1.49 -14.31
C PHE A 223 -35.95 -2.37 -13.37
N VAL A 224 -35.18 -1.76 -12.45
CA VAL A 224 -34.35 -2.53 -11.52
C VAL A 224 -35.22 -3.42 -10.65
N SER A 225 -36.25 -2.85 -10.05
CA SER A 225 -37.11 -3.62 -9.16
C SER A 225 -37.70 -4.83 -9.87
N GLN A 226 -38.10 -4.67 -11.13
CA GLN A 226 -38.71 -5.78 -11.84
C GLN A 226 -37.68 -6.82 -12.29
N CYS A 227 -36.47 -6.40 -12.65
CA CYS A 227 -35.43 -7.35 -13.02
C CYS A 227 -34.94 -8.13 -11.81
N LEU A 228 -34.91 -7.51 -10.63
CA LEU A 228 -34.51 -8.24 -9.42
C LEU A 228 -35.56 -9.28 -9.04
N ALA A 229 -36.84 -8.91 -9.16
CA ALA A 229 -37.92 -9.82 -8.78
C ALA A 229 -37.97 -11.01 -9.73
N THR A 230 -37.94 -10.76 -11.05
CA THR A 230 -37.90 -11.85 -12.00
C THR A 230 -36.66 -12.72 -11.78
N SER A 231 -35.52 -12.08 -11.51
CA SER A 231 -34.29 -12.83 -11.26
C SER A 231 -34.44 -13.74 -10.05
N LEU A 232 -35.03 -13.24 -8.97
CA LEU A 232 -35.15 -14.08 -7.80
C LEU A 232 -36.09 -15.26 -8.03
N GLN A 233 -37.12 -15.10 -8.87
CA GLN A 233 -37.99 -16.26 -9.05
C GLN A 233 -37.37 -17.28 -10.00
N ILE A 234 -36.65 -16.81 -11.02
CA ILE A 234 -36.01 -17.71 -11.96
C ILE A 234 -34.88 -18.50 -11.27
N LEU A 235 -34.05 -17.81 -10.48
CA LEU A 235 -33.00 -18.51 -9.75
C LEU A 235 -33.55 -19.51 -8.74
N GLY A 236 -34.78 -19.32 -8.26
CA GLY A 236 -35.38 -20.33 -7.40
C GLY A 236 -35.77 -21.58 -8.17
N GLN A 237 -36.38 -21.40 -9.35
CA GLN A 237 -36.75 -22.53 -10.17
C GLN A 237 -35.53 -23.22 -10.73
N LEU A 238 -34.48 -22.46 -11.05
CA LEU A 238 -33.24 -23.05 -11.53
C LEU A 238 -32.61 -23.96 -10.47
N LEU A 239 -32.69 -23.57 -9.19
CA LEU A 239 -32.11 -24.39 -8.15
C LEU A 239 -32.93 -25.64 -7.84
N THR A 240 -34.05 -25.88 -8.53
CA THR A 240 -34.82 -27.10 -8.30
C THR A 240 -34.65 -28.15 -9.38
N LEU A 241 -33.88 -27.88 -10.43
CA LEU A 241 -33.57 -28.91 -11.43
C LEU A 241 -32.65 -29.95 -10.82
N ASN A 242 -32.85 -31.22 -11.21
CA ASN A 242 -32.04 -32.34 -10.72
C ASN A 242 -31.56 -33.12 -11.93
N PHE A 243 -30.47 -32.65 -12.54
CA PHE A 243 -29.82 -33.37 -13.64
C PHE A 243 -29.35 -34.74 -13.17
N GLY A 244 -28.68 -35.48 -14.04
CA GLY A 244 -28.07 -36.73 -13.66
C GLY A 244 -26.64 -36.53 -13.20
N ASN A 245 -25.86 -37.59 -13.31
CA ASN A 245 -24.40 -37.48 -13.29
C ASN A 245 -23.86 -37.00 -14.63
N VAL A 246 -24.75 -36.45 -15.46
CA VAL A 246 -24.47 -36.26 -16.88
C VAL A 246 -23.23 -35.41 -17.08
N ASP A 247 -23.15 -34.26 -16.40
CA ASP A 247 -21.91 -33.50 -16.36
C ASP A 247 -21.91 -32.72 -15.05
N VAL A 248 -21.16 -33.21 -14.05
CA VAL A 248 -21.26 -32.58 -12.75
C VAL A 248 -20.32 -31.40 -12.59
N ILE A 249 -19.26 -31.29 -13.39
CA ILE A 249 -18.46 -30.09 -13.33
C ILE A 249 -19.24 -28.90 -13.88
N SER A 250 -19.99 -29.10 -14.95
CA SER A 250 -20.89 -28.04 -15.39
C SER A 250 -22.05 -27.85 -14.43
N GLN A 251 -22.53 -28.95 -13.83
CA GLN A 251 -23.59 -28.83 -12.82
C GLN A 251 -23.15 -27.92 -11.69
N LEU A 252 -21.91 -28.08 -11.22
CA LEU A 252 -21.44 -27.29 -10.10
C LEU A 252 -21.08 -25.86 -10.49
N LYS A 253 -20.67 -25.64 -11.75
CA LYS A 253 -20.45 -24.26 -12.19
C LYS A 253 -21.78 -23.53 -12.38
N PHE A 254 -22.82 -24.25 -12.79
CA PHE A 254 -24.19 -23.77 -12.75
C PHE A 254 -24.58 -23.31 -11.35
N LYS A 255 -24.44 -24.18 -10.37
CA LYS A 255 -24.89 -23.83 -9.03
C LYS A 255 -24.08 -22.69 -8.45
N SER A 256 -22.77 -22.65 -8.69
CA SER A 256 -21.98 -21.62 -8.04
C SER A 256 -22.29 -20.24 -8.61
N ILE A 257 -22.62 -20.15 -9.91
CA ILE A 257 -22.96 -18.86 -10.47
C ILE A 257 -24.37 -18.43 -10.04
N ILE A 258 -25.27 -19.39 -9.77
CA ILE A 258 -26.55 -19.02 -9.19
C ILE A 258 -26.35 -18.41 -7.81
N TYR A 259 -25.63 -19.13 -6.93
CA TYR A 259 -25.41 -18.60 -5.60
C TYR A 259 -24.59 -17.32 -5.61
N GLU A 260 -23.70 -17.15 -6.59
CA GLU A 260 -22.97 -15.90 -6.66
C GLU A 260 -23.88 -14.73 -7.00
N ASN A 261 -24.84 -14.94 -7.92
CA ASN A 261 -25.83 -13.90 -8.22
C ASN A 261 -26.74 -13.64 -7.02
N LEU A 262 -27.17 -14.71 -6.33
CA LEU A 262 -27.98 -14.53 -5.13
C LEU A 262 -27.25 -13.66 -4.10
N VAL A 263 -25.99 -14.00 -3.78
CA VAL A 263 -25.19 -13.16 -2.90
C VAL A 263 -25.24 -11.71 -3.36
N PHE A 264 -25.08 -11.49 -4.66
CA PHE A 264 -24.95 -10.12 -5.15
C PHE A 264 -26.26 -9.35 -5.00
N ILE A 265 -27.40 -9.99 -5.26
CA ILE A 265 -28.70 -9.34 -5.06
C ILE A 265 -28.92 -9.05 -3.58
N LYS A 266 -28.59 -10.00 -2.73
CA LYS A 266 -28.78 -9.82 -1.29
C LYS A 266 -27.93 -8.69 -0.73
N ASN A 267 -26.75 -8.46 -1.30
CA ASN A 267 -25.75 -7.57 -0.69
C ASN A 267 -25.77 -6.15 -1.23
N ASP A 268 -26.20 -5.93 -2.48
CA ASP A 268 -26.06 -4.64 -3.13
C ASP A 268 -27.39 -3.98 -3.47
N PHE A 269 -28.51 -4.50 -2.95
CA PHE A 269 -29.80 -3.87 -3.12
C PHE A 269 -30.51 -3.89 -1.77
N SER A 270 -31.43 -2.95 -1.57
CA SER A 270 -32.10 -2.90 -0.27
C SER A 270 -33.01 -4.12 -0.10
N ARG A 271 -33.47 -4.34 1.15
CA ARG A 271 -34.15 -5.59 1.50
C ARG A 271 -35.56 -5.66 0.97
N LYS A 272 -36.16 -4.55 0.55
CA LYS A 272 -37.41 -4.70 -0.17
C LYS A 272 -37.24 -5.60 -1.40
N HIS A 273 -36.01 -5.72 -1.93
CA HIS A 273 -35.77 -6.49 -3.13
C HIS A 273 -35.45 -7.96 -2.86
N PHE A 274 -35.35 -8.36 -1.60
CA PHE A 274 -35.06 -9.74 -1.22
C PHE A 274 -35.73 -9.98 0.13
N SER A 275 -37.01 -10.36 0.09
CA SER A 275 -37.80 -10.59 1.29
C SER A 275 -37.21 -11.70 2.15
N SER A 276 -37.35 -11.54 3.47
CA SER A 276 -36.81 -12.53 4.41
C SER A 276 -37.42 -13.91 4.22
N GLU A 277 -38.61 -14.00 3.62
CA GLU A 277 -39.18 -15.31 3.31
C GLU A 277 -38.53 -15.89 2.06
N LEU A 278 -38.28 -15.05 1.05
CA LEU A 278 -37.42 -15.51 -0.02
C LEU A 278 -36.05 -15.93 0.52
N GLN A 279 -35.52 -15.15 1.48
CA GLN A 279 -34.25 -15.52 2.12
C GLN A 279 -34.34 -16.90 2.76
N LYS A 280 -35.45 -17.23 3.41
CA LYS A 280 -35.56 -18.49 4.11
C LYS A 280 -35.67 -19.66 3.14
N GLN A 281 -36.30 -19.48 1.97
CA GLN A 281 -36.30 -20.53 0.95
C GLN A 281 -34.88 -20.83 0.49
N PHE A 282 -34.18 -19.80 0.02
CA PHE A 282 -32.83 -20.01 -0.48
C PHE A 282 -31.88 -20.48 0.60
N LYS A 283 -32.08 -20.07 1.85
CA LYS A 283 -31.26 -20.61 2.93
C LYS A 283 -31.37 -22.13 2.97
N ILE A 284 -32.58 -22.65 2.76
CA ILE A 284 -32.82 -24.08 2.82
C ILE A 284 -32.19 -24.76 1.60
N MET A 285 -32.50 -24.26 0.40
CA MET A 285 -31.89 -24.81 -0.79
C MET A 285 -30.37 -24.78 -0.69
N ALA A 286 -29.82 -23.73 -0.08
CA ALA A 286 -28.37 -23.58 0.02
C ALA A 286 -27.77 -24.55 1.03
N ILE A 287 -28.48 -24.81 2.13
CA ILE A 287 -27.97 -25.79 3.09
C ILE A 287 -28.03 -27.19 2.48
N GLN A 288 -29.11 -27.48 1.75
CA GLN A 288 -29.22 -28.73 1.02
C GLN A 288 -28.07 -28.88 0.05
N ASP A 289 -27.85 -27.88 -0.81
CA ASP A 289 -26.81 -27.99 -1.81
C ASP A 289 -25.42 -28.02 -1.22
N LEU A 290 -25.24 -27.48 -0.02
CA LEU A 290 -23.98 -27.69 0.68
C LEU A 290 -23.79 -29.18 1.00
N GLU A 291 -24.89 -29.88 1.28
CA GLU A 291 -24.85 -31.31 1.52
C GLU A 291 -24.61 -32.06 0.22
N ASN A 292 -25.40 -31.76 -0.82
CA ASN A 292 -25.22 -32.41 -2.11
C ASN A 292 -23.77 -32.31 -2.57
N VAL A 293 -23.19 -31.10 -2.48
CA VAL A 293 -21.87 -30.85 -3.03
C VAL A 293 -20.79 -31.62 -2.28
N THR A 294 -20.98 -31.83 -0.97
CA THR A 294 -19.98 -32.49 -0.14
C THR A 294 -20.11 -34.00 -0.18
N HIS A 295 -21.29 -34.52 -0.50
CA HIS A 295 -21.55 -35.96 -0.67
C HIS A 295 -21.59 -36.36 -2.14
N ILE A 296 -20.72 -35.76 -2.95
CA ILE A 296 -20.29 -36.34 -4.21
C ILE A 296 -18.76 -36.41 -4.08
N ASN A 297 -18.23 -35.53 -3.25
CA ASN A 297 -16.80 -35.28 -3.11
C ASN A 297 -16.21 -35.92 -1.85
N PRO A 307 -9.30 -31.81 -13.24
CA PRO A 307 -9.58 -31.99 -11.80
C PRO A 307 -10.95 -31.48 -11.39
N LEU A 308 -11.48 -32.08 -10.33
CA LEU A 308 -12.84 -31.81 -9.88
C LEU A 308 -12.92 -31.14 -8.52
N LEU A 309 -12.00 -31.44 -7.59
CA LEU A 309 -12.18 -31.01 -6.21
C LEU A 309 -12.23 -29.50 -6.08
N GLU A 310 -11.38 -28.77 -6.80
CA GLU A 310 -11.52 -27.33 -6.72
C GLU A 310 -12.66 -26.81 -7.59
N THR A 311 -13.36 -27.68 -8.32
CA THR A 311 -14.65 -27.25 -8.85
C THR A 311 -15.72 -27.30 -7.75
N VAL A 312 -15.71 -28.35 -6.95
CA VAL A 312 -16.70 -28.45 -5.89
C VAL A 312 -16.31 -27.57 -4.70
N HIS A 313 -15.01 -27.40 -4.45
CA HIS A 313 -14.57 -26.50 -3.39
C HIS A 313 -14.92 -25.05 -3.73
N ASP A 314 -14.66 -24.64 -4.97
CA ASP A 314 -14.99 -23.27 -5.35
C ASP A 314 -16.50 -23.08 -5.48
N CYS A 315 -17.25 -24.13 -5.83
CA CYS A 315 -18.70 -24.01 -5.76
C CYS A 315 -19.16 -23.75 -4.33
N SER A 316 -18.69 -24.55 -3.38
CA SER A 316 -19.14 -24.40 -2.01
C SER A 316 -18.77 -23.04 -1.40
N ILE A 317 -17.74 -22.36 -1.93
CA ILE A 317 -17.44 -21.01 -1.45
C ILE A 317 -18.63 -20.09 -1.64
N TYR A 318 -19.31 -20.20 -2.78
CA TYR A 318 -20.43 -19.31 -3.07
C TYR A 318 -21.69 -19.71 -2.32
N ILE A 319 -21.91 -21.00 -2.14
CA ILE A 319 -22.97 -21.43 -1.24
C ILE A 319 -22.74 -20.85 0.15
N VAL A 320 -21.51 -20.96 0.66
CA VAL A 320 -21.23 -20.49 2.01
C VAL A 320 -21.29 -18.97 2.05
N GLU A 321 -20.83 -18.30 1.00
CA GLU A 321 -20.93 -16.84 0.90
C GLU A 321 -22.38 -16.39 1.00
N PHE A 322 -23.31 -17.12 0.39
CA PHE A 322 -24.72 -16.78 0.52
C PHE A 322 -25.26 -17.03 1.93
N LEU A 323 -24.91 -18.18 2.52
CA LEU A 323 -25.34 -18.42 3.90
C LEU A 323 -24.79 -17.35 4.84
N THR A 324 -23.58 -16.88 4.58
CA THR A 324 -23.05 -15.75 5.34
C THR A 324 -23.94 -14.52 5.17
N SER A 325 -24.48 -14.33 3.97
CA SER A 325 -25.20 -13.10 3.65
C SER A 325 -26.63 -13.09 4.19
N VAL A 326 -27.15 -14.24 4.62
CA VAL A 326 -28.43 -14.35 5.29
C VAL A 326 -28.27 -14.97 6.68
N CYS A 327 -27.06 -14.92 7.24
CA CYS A 327 -26.80 -15.57 8.52
C CYS A 327 -27.47 -14.89 9.72
N THR A 328 -28.27 -13.83 9.54
CA THR A 328 -29.07 -13.34 10.66
C THR A 328 -30.36 -14.14 10.83
N LEU A 329 -30.75 -14.93 9.84
CA LEU A 329 -31.89 -15.82 9.99
C LEU A 329 -31.62 -16.83 11.09
N GLN A 330 -32.69 -17.41 11.61
CA GLN A 330 -32.52 -18.49 12.57
C GLN A 330 -32.27 -19.79 11.82
N PHE A 331 -31.53 -20.67 12.46
CA PHE A 331 -31.17 -21.96 11.89
C PHE A 331 -31.71 -23.05 12.80
N SER A 332 -32.59 -23.89 12.26
CA SER A 332 -33.03 -25.08 12.99
C SER A 332 -31.80 -25.83 13.49
N VAL A 333 -31.93 -26.45 14.67
CA VAL A 333 -30.77 -27.17 15.21
C VAL A 333 -30.26 -28.15 14.17
N GLU A 334 -31.16 -28.83 13.48
CA GLU A 334 -30.74 -29.81 12.48
C GLU A 334 -30.05 -29.14 11.30
N GLU A 335 -30.53 -27.94 10.91
CA GLU A 335 -29.86 -27.21 9.82
C GLU A 335 -28.42 -26.90 10.14
N MET A 336 -28.10 -26.72 11.43
CA MET A 336 -26.74 -26.37 11.83
C MET A 336 -25.82 -27.58 11.90
N ASN A 337 -26.35 -28.75 12.28
CA ASN A 337 -25.55 -29.96 12.19
C ASN A 337 -25.26 -30.33 10.74
N LYS A 338 -26.26 -30.18 9.85
CA LYS A 338 -25.98 -30.29 8.42
C LYS A 338 -24.82 -29.38 8.04
N ILE A 339 -24.90 -28.10 8.39
CA ILE A 339 -23.87 -27.14 8.02
C ILE A 339 -22.52 -27.57 8.59
N ILE A 340 -22.50 -27.97 9.86
CA ILE A 340 -21.22 -28.31 10.48
C ILE A 340 -20.65 -29.60 9.88
N THR A 341 -21.49 -30.60 9.57
CA THR A 341 -20.87 -31.78 8.96
C THR A 341 -20.36 -31.44 7.55
N SER A 342 -21.03 -30.53 6.80
CA SER A 342 -20.55 -30.22 5.46
C SER A 342 -19.27 -29.39 5.49
N LEU A 343 -19.18 -28.39 6.39
CA LEU A 343 -17.97 -27.59 6.49
C LEU A 343 -16.82 -28.40 7.06
N THR A 344 -17.13 -29.37 7.93
CA THR A 344 -16.10 -30.29 8.42
C THR A 344 -15.42 -31.03 7.27
N ILE A 345 -16.19 -31.46 6.27
CA ILE A 345 -15.58 -32.13 5.12
C ILE A 345 -14.86 -31.12 4.25
N LEU A 346 -15.53 -29.99 3.93
CA LEU A 346 -15.00 -29.03 2.99
C LEU A 346 -13.73 -28.37 3.52
N CYS A 347 -13.65 -28.14 4.82
CA CYS A 347 -12.50 -27.45 5.41
C CYS A 347 -11.36 -28.38 5.76
N GLN A 348 -11.51 -29.69 5.54
CA GLN A 348 -10.41 -30.62 5.73
C GLN A 348 -9.29 -30.26 4.77
N LEU A 349 -8.05 -30.31 5.24
CA LEU A 349 -6.94 -29.98 4.39
C LEU A 349 -6.71 -31.06 3.34
N SER A 350 -6.72 -30.67 2.07
CA SER A 350 -6.33 -31.56 0.99
C SER A 350 -4.92 -32.07 1.25
N SER A 351 -4.63 -33.29 0.76
CA SER A 351 -3.32 -33.87 0.98
C SER A 351 -2.23 -33.10 0.26
N GLU A 352 -2.59 -32.44 -0.86
CA GLU A 352 -1.63 -31.54 -1.47
C GLU A 352 -1.28 -30.39 -0.52
N THR A 353 -2.29 -29.76 0.09
CA THR A 353 -1.90 -28.65 0.94
C THR A 353 -1.16 -29.14 2.20
N ARG A 354 -1.54 -30.30 2.77
CA ARG A 354 -0.77 -30.82 3.91
C ARG A 354 0.71 -31.03 3.56
N GLU A 355 0.98 -31.41 2.32
CA GLU A 355 2.34 -31.74 1.95
C GLU A 355 3.14 -30.46 1.72
N ILE A 356 2.51 -29.47 1.09
CA ILE A 356 3.15 -28.16 0.96
C ILE A 356 3.52 -27.60 2.33
N TRP A 357 2.58 -27.68 3.29
CA TRP A 357 2.84 -27.11 4.63
C TRP A 357 3.95 -27.86 5.36
N THR A 358 3.86 -29.19 5.37
CA THR A 358 4.87 -30.00 6.05
C THR A 358 6.22 -29.97 5.32
N SER A 359 6.23 -29.64 4.04
CA SER A 359 7.49 -29.56 3.32
C SER A 359 8.15 -28.19 3.35
N ASP A 360 7.37 -27.12 3.45
CA ASP A 360 7.93 -25.78 3.66
C ASP A 360 7.00 -25.06 4.63
N PHE A 361 7.44 -24.97 5.90
CA PHE A 361 6.60 -24.44 6.95
C PHE A 361 6.28 -22.97 6.72
N ASN A 362 7.18 -22.24 6.05
CA ASN A 362 6.92 -20.86 5.67
C ASN A 362 5.61 -20.72 4.91
N THR A 363 5.18 -21.77 4.22
CA THR A 363 3.87 -21.76 3.59
C THR A 363 2.78 -21.77 4.64
N PHE A 364 2.99 -22.47 5.75
CA PHE A 364 1.97 -22.53 6.80
C PHE A 364 1.89 -21.19 7.52
N VAL A 365 3.05 -20.57 7.81
CA VAL A 365 3.10 -19.26 8.43
C VAL A 365 2.41 -18.24 7.55
N SER A 366 2.75 -18.26 6.25
CA SER A 366 2.14 -17.33 5.32
C SER A 366 0.62 -17.41 5.36
N LYS A 367 0.09 -18.62 5.49
CA LYS A 367 -1.36 -18.74 5.52
C LYS A 367 -1.93 -18.30 6.86
N GLU A 368 -1.34 -18.75 7.98
CA GLU A 368 -1.99 -18.55 9.27
C GLU A 368 -1.86 -17.11 9.76
N THR A 369 -0.86 -16.38 9.27
CA THR A 369 -0.73 -14.97 9.54
C THR A 369 -1.58 -14.11 8.61
N GLY A 370 -2.39 -14.71 7.74
CA GLY A 370 -3.24 -13.94 6.84
C GLY A 370 -2.53 -13.31 5.67
N LEU A 371 -1.21 -13.45 5.58
CA LEU A 371 -0.42 -12.88 4.49
C LEU A 371 -0.45 -13.72 3.22
N ALA A 372 -1.26 -14.77 3.12
CA ALA A 372 -1.29 -15.55 1.90
C ALA A 372 -2.32 -14.98 0.95
N ALA A 373 -2.04 -15.08 -0.34
CA ALA A 373 -2.96 -14.59 -1.36
C ALA A 373 -4.16 -15.51 -1.58
N SER A 374 -4.14 -16.75 -1.08
CA SER A 374 -5.22 -17.70 -1.32
C SER A 374 -6.54 -17.16 -0.78
N TYR A 375 -7.65 -17.66 -1.33
CA TYR A 375 -8.95 -17.48 -0.67
C TYR A 375 -9.81 -18.72 -0.94
N ASN A 376 -9.93 -19.59 0.07
CA ASN A 376 -10.53 -20.90 -0.10
C ASN A 376 -11.72 -21.11 0.85
N VAL A 377 -12.18 -22.35 0.94
CA VAL A 377 -13.37 -22.64 1.72
C VAL A 377 -13.15 -22.38 3.21
N ARG A 378 -11.91 -22.52 3.69
CA ARG A 378 -11.66 -22.26 5.10
C ARG A 378 -11.75 -20.79 5.41
N ASP A 379 -11.21 -19.95 4.53
CA ASP A 379 -11.36 -18.50 4.64
C ASP A 379 -12.83 -18.12 4.62
N GLN A 380 -13.59 -18.67 3.68
CA GLN A 380 -15.00 -18.33 3.60
C GLN A 380 -15.78 -18.85 4.83
N ALA A 381 -15.37 -19.98 5.41
CA ALA A 381 -16.02 -20.44 6.64
C ALA A 381 -15.76 -19.48 7.80
N ASN A 382 -14.55 -18.94 7.86
CA ASN A 382 -14.22 -17.97 8.89
C ASN A 382 -15.10 -16.72 8.75
N GLU A 383 -15.40 -16.33 7.52
CA GLU A 383 -16.30 -15.23 7.27
C GLU A 383 -17.73 -15.58 7.68
N PHE A 384 -18.10 -16.86 7.57
CA PHE A 384 -19.43 -17.28 8.02
C PHE A 384 -19.53 -17.24 9.54
N PHE A 385 -18.59 -17.88 10.24
CA PHE A 385 -18.71 -18.01 11.69
C PHE A 385 -18.54 -16.68 12.41
N THR A 386 -17.58 -15.85 11.97
CA THR A 386 -17.42 -14.51 12.54
C THR A 386 -18.54 -13.54 12.16
N SER A 387 -19.53 -13.97 11.37
CA SER A 387 -20.66 -13.13 11.05
C SER A 387 -21.92 -13.49 11.81
N LEU A 388 -21.91 -14.52 12.61
CA LEU A 388 -23.17 -14.94 13.19
C LEU A 388 -23.55 -14.02 14.36
N PRO A 389 -24.79 -13.60 14.42
CA PRO A 389 -25.29 -12.94 15.64
C PRO A 389 -25.36 -13.93 16.79
N ASN A 390 -25.80 -13.50 17.97
CA ASN A 390 -25.58 -14.35 19.15
C ASN A 390 -26.68 -15.35 19.48
N PRO A 391 -27.91 -15.28 18.96
CA PRO A 391 -28.77 -16.46 19.15
C PRO A 391 -28.15 -17.71 18.53
N GLN A 392 -27.63 -17.66 17.35
CA GLN A 392 -27.07 -18.81 16.63
C GLN A 392 -25.61 -19.09 17.00
N LEU A 393 -24.79 -18.06 17.25
CA LEU A 393 -23.36 -18.30 17.41
C LEU A 393 -23.07 -19.21 18.59
N SER A 394 -23.79 -19.00 19.70
CA SER A 394 -23.58 -19.84 20.89
C SER A 394 -24.06 -21.26 20.65
N LEU A 395 -25.01 -21.45 19.74
CA LEU A 395 -25.58 -22.79 19.63
C LEU A 395 -24.77 -23.65 18.67
N ILE A 396 -24.25 -23.08 17.57
CA ILE A 396 -23.23 -23.79 16.80
C ILE A 396 -22.05 -24.16 17.72
N PHE A 397 -21.81 -23.36 18.76
CA PHE A 397 -20.64 -23.61 19.59
C PHE A 397 -20.67 -25.02 20.18
N LYS A 398 -21.81 -25.44 20.75
CA LYS A 398 -21.81 -26.80 21.27
C LYS A 398 -21.98 -27.83 20.16
N VAL A 399 -22.66 -27.46 19.06
CA VAL A 399 -22.73 -28.36 17.90
C VAL A 399 -21.33 -28.75 17.45
N VAL A 400 -20.44 -27.77 17.36
CA VAL A 400 -19.05 -28.06 17.02
C VAL A 400 -18.31 -28.66 18.21
N SER A 401 -18.69 -28.31 19.45
CA SER A 401 -17.99 -28.82 20.61
C SER A 401 -18.36 -30.26 20.89
N ASN A 402 -19.62 -30.62 20.66
CA ASN A 402 -20.00 -32.02 20.66
C ASN A 402 -19.25 -32.78 19.57
N ASP A 403 -19.33 -32.30 18.32
CA ASP A 403 -18.64 -32.95 17.22
C ASP A 403 -17.16 -33.11 17.51
N ILE A 404 -16.58 -32.24 18.34
CA ILE A 404 -15.17 -32.42 18.67
C ILE A 404 -15.00 -33.51 19.71
N GLU A 405 -15.96 -33.67 20.63
CA GLU A 405 -15.88 -34.76 21.60
C GLU A 405 -16.12 -36.10 20.93
N HIS A 406 -17.11 -36.16 20.03
CA HIS A 406 -17.40 -37.37 19.27
C HIS A 406 -16.42 -37.56 18.11
N SER A 407 -15.16 -37.07 18.24
CA SER A 407 -14.22 -37.23 17.14
C SER A 407 -12.77 -37.18 17.58
N THR A 408 -12.48 -37.39 18.87
CA THR A 408 -11.14 -37.23 19.44
C THR A 408 -10.14 -38.23 18.89
N CYS A 409 -10.59 -39.32 18.26
CA CYS A 409 -9.67 -40.27 17.65
C CYS A 409 -9.77 -40.34 16.14
N ASN A 410 -10.71 -39.62 15.53
CA ASN A 410 -10.78 -39.51 14.07
C ASN A 410 -9.81 -38.43 13.62
N TYR A 411 -8.60 -38.85 13.25
CA TYR A 411 -7.56 -37.94 12.81
C TYR A 411 -7.69 -37.58 11.36
N SER A 412 -8.88 -37.74 10.79
CA SER A 412 -9.14 -37.24 9.45
C SER A 412 -10.08 -36.05 9.45
N THR A 413 -10.84 -35.84 10.53
CA THR A 413 -11.73 -34.70 10.64
C THR A 413 -11.41 -33.74 11.77
N LEU A 414 -10.43 -34.04 12.62
CA LEU A 414 -10.34 -33.28 13.87
C LEU A 414 -9.69 -31.91 13.65
N GLU A 415 -8.64 -31.84 12.83
CA GLU A 415 -8.06 -30.54 12.49
C GLU A 415 -9.11 -29.59 11.93
N SER A 416 -9.90 -30.08 10.98
CA SER A 416 -10.98 -29.29 10.39
C SER A 416 -11.97 -28.83 11.45
N LEU A 417 -12.34 -29.72 12.39
CA LEU A 417 -13.30 -29.34 13.42
C LEU A 417 -12.70 -28.31 14.38
N LEU A 418 -11.42 -28.49 14.73
CA LEU A 418 -10.74 -27.50 15.55
C LEU A 418 -10.70 -26.14 14.84
N TYR A 419 -10.40 -26.15 13.54
CA TYR A 419 -10.40 -24.90 12.78
C TYR A 419 -11.78 -24.25 12.79
N LEU A 420 -12.87 -25.02 12.64
CA LEU A 420 -14.19 -24.42 12.76
C LEU A 420 -14.38 -23.80 14.15
N LEU A 421 -13.90 -24.49 15.18
CA LEU A 421 -13.91 -23.92 16.52
C LEU A 421 -13.16 -22.60 16.54
N GLN A 422 -12.01 -22.53 15.85
CA GLN A 422 -11.22 -21.32 15.81
C GLN A 422 -12.02 -20.17 15.20
N CYS A 423 -12.64 -20.40 14.06
CA CYS A 423 -13.52 -19.41 13.46
C CYS A 423 -14.56 -18.90 14.46
N ILE A 424 -15.30 -19.82 15.09
CA ILE A 424 -16.35 -19.39 16.01
C ILE A 424 -15.77 -18.54 17.13
N LEU A 425 -14.61 -18.92 17.68
CA LEU A 425 -14.02 -18.17 18.79
C LEU A 425 -13.57 -16.78 18.36
N LEU A 426 -13.30 -16.58 17.06
CA LEU A 426 -12.87 -15.30 16.53
C LEU A 426 -14.05 -14.35 16.30
N ASN A 427 -15.27 -14.84 16.46
CA ASN A 427 -16.42 -13.95 16.52
C ASN A 427 -16.26 -13.03 17.75
N ASP A 428 -16.25 -11.71 17.52
CA ASP A 428 -15.96 -10.78 18.61
C ASP A 428 -16.98 -10.84 19.74
N ASP A 429 -18.14 -11.40 19.48
CA ASP A 429 -19.28 -11.55 20.38
C ASP A 429 -19.06 -12.70 21.38
N GLU A 430 -19.81 -12.65 22.48
CA GLU A 430 -19.63 -13.58 23.60
C GLU A 430 -20.48 -14.84 23.42
N ILE A 431 -20.02 -15.95 24.00
CA ILE A 431 -20.69 -17.24 23.86
C ILE A 431 -21.22 -17.66 25.22
N THR A 432 -22.55 -17.78 25.33
CA THR A 432 -23.23 -18.12 26.58
C THR A 432 -24.54 -18.82 26.24
N GLY A 433 -24.97 -19.70 27.14
CA GLY A 433 -26.12 -20.55 26.91
C GLY A 433 -26.27 -21.49 28.08
N GLU A 434 -27.18 -22.47 27.95
CA GLU A 434 -27.59 -23.25 29.11
C GLU A 434 -26.43 -23.92 29.81
N ASN A 435 -25.83 -24.96 29.22
CA ASN A 435 -24.74 -25.60 29.95
C ASN A 435 -23.42 -25.45 29.20
N ILE A 436 -23.06 -24.21 28.89
CA ILE A 436 -21.83 -23.95 28.15
C ILE A 436 -20.59 -24.09 29.05
N ASP A 437 -20.73 -23.94 30.36
CA ASP A 437 -19.58 -24.18 31.21
C ASP A 437 -19.23 -25.65 31.24
N GLN A 438 -20.25 -26.51 31.28
CA GLN A 438 -20.04 -27.94 31.09
C GLN A 438 -19.22 -28.20 29.84
N SER A 439 -19.72 -27.76 28.68
CA SER A 439 -19.04 -27.94 27.41
C SER A 439 -17.58 -27.53 27.48
N LEU A 440 -17.31 -26.39 28.10
CA LEU A 440 -15.98 -25.82 28.09
C LEU A 440 -15.01 -26.68 28.88
N GLN A 441 -15.38 -27.04 30.12
CA GLN A 441 -14.53 -27.95 30.89
C GLN A 441 -14.29 -29.25 30.13
N ILE A 442 -15.27 -29.71 29.36
CA ILE A 442 -15.03 -30.84 28.44
C ILE A 442 -14.03 -30.44 27.36
N LEU A 443 -14.26 -29.28 26.71
CA LEU A 443 -13.43 -28.86 25.59
C LEU A 443 -12.02 -28.50 26.06
N ILE A 444 -11.92 -27.76 27.17
CA ILE A 444 -10.60 -27.50 27.76
C ILE A 444 -9.93 -28.82 28.04
N LYS A 445 -10.73 -29.83 28.40
CA LYS A 445 -10.20 -31.13 28.75
C LYS A 445 -10.31 -32.13 27.63
N THR A 446 -10.10 -31.69 26.40
CA THR A 446 -9.50 -32.55 25.38
C THR A 446 -8.39 -31.85 24.64
N LEU A 447 -8.25 -30.52 24.81
CA LEU A 447 -7.16 -29.77 24.20
C LEU A 447 -5.83 -30.05 24.89
N GLU A 448 -5.82 -30.07 26.22
CA GLU A 448 -4.63 -30.51 26.92
C GLU A 448 -4.29 -31.98 26.63
N ASN A 449 -5.25 -32.85 26.29
CA ASN A 449 -4.78 -34.16 25.86
C ASN A 449 -4.18 -34.16 24.47
N ILE A 450 -4.48 -33.18 23.62
CA ILE A 450 -3.78 -33.11 22.33
C ILE A 450 -2.28 -32.93 22.54
N LEU A 451 -1.88 -32.00 23.43
CA LEU A 451 -0.46 -31.72 23.59
C LEU A 451 0.25 -32.69 24.52
N VAL A 452 -0.47 -33.40 25.39
CA VAL A 452 0.19 -34.52 26.08
C VAL A 452 0.29 -35.73 25.15
N SER A 453 -0.78 -36.04 24.41
CA SER A 453 -0.80 -37.18 23.49
C SER A 453 0.40 -37.18 22.57
N GLN A 454 1.17 -38.29 22.60
CA GLN A 454 2.51 -38.30 22.06
C GLN A 454 2.58 -38.69 20.60
N GLU A 455 1.55 -39.34 20.05
CA GLU A 455 1.60 -39.68 18.63
C GLU A 455 0.52 -38.93 17.88
N ILE A 456 0.53 -37.62 18.04
CA ILE A 456 -0.48 -36.74 17.46
C ILE A 456 0.09 -36.15 16.19
N PRO A 457 -0.66 -36.14 15.08
CA PRO A 457 -0.10 -35.61 13.82
C PRO A 457 0.22 -34.12 13.92
N GLU A 458 1.25 -33.73 13.16
CA GLU A 458 1.85 -32.41 13.32
C GLU A 458 0.84 -31.29 13.08
N LEU A 459 0.06 -31.37 11.98
CA LEU A 459 -0.88 -30.30 11.67
C LEU A 459 -2.01 -30.21 12.69
N ILE A 460 -2.35 -31.32 13.35
CA ILE A 460 -3.42 -31.20 14.33
C ILE A 460 -2.90 -30.64 15.64
N LEU A 461 -1.64 -30.94 15.98
CA LEU A 461 -1.05 -30.38 17.18
C LEU A 461 -0.93 -28.87 17.06
N ALA A 462 -0.43 -28.40 15.91
CA ALA A 462 -0.34 -26.98 15.62
C ALA A 462 -1.70 -26.30 15.73
N ARG A 463 -2.74 -26.88 15.15
CA ARG A 463 -4.05 -26.23 15.26
C ARG A 463 -4.52 -26.17 16.70
N ALA A 464 -4.27 -27.22 17.48
CA ALA A 464 -4.64 -27.15 18.90
C ALA A 464 -3.84 -26.08 19.64
N ILE A 465 -2.56 -25.92 19.30
CA ILE A 465 -1.71 -24.93 19.96
C ILE A 465 -2.24 -23.53 19.67
N LEU A 466 -2.57 -23.27 18.40
CA LEU A 466 -3.11 -21.98 17.98
C LEU A 466 -4.55 -21.76 18.42
N THR A 467 -5.31 -22.81 18.75
CA THR A 467 -6.70 -22.66 19.19
C THR A 467 -6.81 -22.44 20.70
N ILE A 468 -5.81 -22.86 21.48
CA ILE A 468 -5.90 -22.76 22.93
C ILE A 468 -6.02 -21.27 23.40
N PRO A 469 -5.14 -20.38 22.92
CA PRO A 469 -5.31 -18.97 23.39
C PRO A 469 -6.67 -18.41 23.07
N ARG A 470 -7.28 -18.80 21.95
CA ARG A 470 -8.58 -18.22 21.63
C ARG A 470 -9.68 -18.77 22.54
N VAL A 471 -9.54 -20.01 23.02
CA VAL A 471 -10.52 -20.48 24.01
C VAL A 471 -10.40 -19.66 25.28
N LEU A 472 -9.17 -19.48 25.78
CA LEU A 472 -8.94 -18.78 27.02
C LEU A 472 -9.28 -17.30 26.90
N ASP A 473 -9.15 -16.75 25.69
CA ASP A 473 -9.50 -15.35 25.44
C ASP A 473 -11.01 -15.16 25.41
N LYS A 474 -11.72 -16.03 24.69
CA LYS A 474 -13.15 -15.85 24.51
C LYS A 474 -13.91 -16.13 25.80
N PHE A 475 -13.38 -17.00 26.66
CA PHE A 475 -14.11 -17.45 27.83
C PHE A 475 -13.49 -16.95 29.13
N ILE A 476 -12.61 -15.95 29.06
CA ILE A 476 -11.87 -15.49 30.22
C ILE A 476 -12.78 -15.14 31.39
N ASP A 477 -13.97 -14.60 31.10
CA ASP A 477 -14.90 -14.22 32.17
C ASP A 477 -15.69 -15.40 32.71
N ALA A 478 -15.35 -16.63 32.34
CA ALA A 478 -16.11 -17.78 32.82
C ALA A 478 -15.18 -18.92 33.22
N LEU A 479 -13.91 -18.62 33.46
CA LEU A 479 -12.90 -19.58 33.93
C LEU A 479 -12.22 -19.02 35.15
N PRO A 480 -12.61 -19.44 36.36
CA PRO A 480 -11.98 -18.85 37.57
C PRO A 480 -10.50 -19.13 37.63
N ASP A 481 -10.07 -20.27 37.06
CA ASP A 481 -8.70 -20.75 37.03
C ASP A 481 -7.88 -20.14 35.89
N ILE A 482 -8.33 -19.03 35.32
CA ILE A 482 -7.75 -18.56 34.07
C ILE A 482 -6.25 -18.30 34.22
N LYS A 483 -5.82 -17.77 35.38
CA LYS A 483 -4.40 -17.47 35.56
C LYS A 483 -3.50 -18.70 35.49
N PRO A 484 -3.77 -19.81 36.21
CA PRO A 484 -2.88 -20.97 36.11
C PRO A 484 -3.13 -21.81 34.86
N LEU A 485 -4.37 -21.74 34.36
CA LEU A 485 -4.71 -22.39 33.09
C LEU A 485 -3.80 -21.88 31.97
N THR A 486 -3.72 -20.55 31.81
CA THR A 486 -2.90 -19.99 30.74
C THR A 486 -1.41 -20.26 30.97
N SER A 487 -0.92 -20.05 32.19
CA SER A 487 0.51 -20.26 32.43
C SER A 487 0.92 -21.70 32.16
N ALA A 488 0.01 -22.65 32.36
CA ALA A 488 0.36 -24.03 32.09
C ALA A 488 0.28 -24.34 30.59
N PHE A 489 -0.84 -23.96 29.97
CA PHE A 489 -1.00 -24.09 28.52
C PHE A 489 0.15 -23.47 27.75
N LEU A 490 0.54 -22.25 28.13
CA LEU A 490 1.63 -21.60 27.43
C LEU A 490 2.95 -22.34 27.67
N ALA A 491 3.23 -22.67 28.94
CA ALA A 491 4.46 -23.38 29.27
C ALA A 491 4.52 -24.75 28.59
N LYS A 492 3.40 -25.46 28.53
CA LYS A 492 3.40 -26.72 27.80
C LYS A 492 3.77 -26.50 26.34
N SER A 493 3.30 -25.40 25.74
CA SER A 493 3.50 -25.18 24.30
C SER A 493 4.94 -24.80 23.99
N LEU A 494 5.56 -23.93 24.79
CA LEU A 494 6.97 -23.69 24.55
C LEU A 494 7.75 -24.97 24.74
N ASN A 495 7.30 -25.83 25.66
CA ASN A 495 8.07 -27.03 25.97
C ASN A 495 8.03 -28.02 24.81
N LEU A 496 6.85 -28.25 24.23
CA LEU A 496 6.77 -29.01 22.98
C LEU A 496 7.65 -28.37 21.90
N ALA A 497 7.55 -27.05 21.75
CA ALA A 497 8.15 -26.40 20.59
C ALA A 497 9.67 -26.52 20.59
N LEU A 498 10.29 -26.42 21.76
CA LEU A 498 11.74 -26.51 21.85
C LEU A 498 12.28 -27.92 21.68
N LYS A 499 11.50 -28.94 22.06
CA LYS A 499 11.92 -30.32 21.91
C LYS A 499 11.16 -31.01 20.79
N SER A 500 10.42 -30.26 19.98
CA SER A 500 10.00 -30.73 18.68
C SER A 500 11.05 -30.33 17.67
N ASP A 501 11.35 -31.24 16.74
CA ASP A 501 12.22 -30.95 15.62
C ASP A 501 11.52 -30.23 14.48
N LYS A 502 10.18 -30.08 14.55
CA LYS A 502 9.40 -29.53 13.46
C LYS A 502 9.29 -28.01 13.59
N GLU A 503 9.88 -27.30 12.62
CA GLU A 503 9.75 -25.84 12.60
C GLU A 503 8.32 -25.38 12.41
N LEU A 504 7.47 -26.19 11.79
CA LEU A 504 6.06 -25.80 11.74
C LEU A 504 5.47 -25.72 13.15
N ILE A 505 5.81 -26.68 14.01
CA ILE A 505 5.27 -26.67 15.37
C ILE A 505 5.84 -25.50 16.17
N LYS A 506 7.16 -25.29 16.08
CA LYS A 506 7.80 -24.12 16.65
C LYS A 506 7.08 -22.83 16.24
N SER A 507 6.87 -22.70 14.92
CA SER A 507 6.23 -21.52 14.37
C SER A 507 4.80 -21.38 14.86
N ALA A 508 4.03 -22.48 14.88
CA ALA A 508 2.69 -22.38 15.44
C ALA A 508 2.74 -21.86 16.87
N THR A 509 3.79 -22.22 17.61
CA THR A 509 3.90 -21.81 18.99
C THR A 509 4.27 -20.34 19.08
N LEU A 510 5.25 -19.90 18.29
CA LEU A 510 5.58 -18.49 18.20
C LEU A 510 4.34 -17.66 17.88
N ILE A 511 3.57 -18.09 16.88
CA ILE A 511 2.34 -17.37 16.57
C ILE A 511 1.39 -17.42 17.75
N ALA A 512 1.19 -18.61 18.33
CA ALA A 512 0.25 -18.76 19.44
C ALA A 512 0.65 -17.89 20.62
N PHE A 513 1.96 -17.71 20.83
CA PHE A 513 2.43 -16.88 21.91
C PHE A 513 1.89 -15.46 21.79
N THR A 514 1.87 -14.91 20.57
CA THR A 514 1.29 -13.60 20.39
C THR A 514 -0.21 -13.62 20.67
N TYR A 515 -0.91 -14.73 20.39
CA TYR A 515 -2.33 -14.77 20.76
C TYR A 515 -2.54 -14.76 22.27
N TYR A 516 -1.51 -15.15 23.06
CA TYR A 516 -1.62 -15.15 24.52
C TYR A 516 -1.39 -13.75 25.05
N CYS A 517 -0.44 -13.04 24.45
CA CYS A 517 -0.19 -11.67 24.82
C CYS A 517 -1.39 -10.79 24.57
N TYR A 518 -2.19 -11.11 23.53
CA TYR A 518 -3.30 -10.24 23.17
C TYR A 518 -4.28 -10.06 24.33
N PHE A 519 -4.57 -11.13 25.07
CA PHE A 519 -5.55 -11.07 26.14
C PHE A 519 -4.95 -11.19 27.54
N ALA A 520 -3.65 -11.36 27.67
CA ALA A 520 -3.08 -11.65 28.97
C ALA A 520 -1.80 -10.85 29.16
N GLU A 521 -1.73 -10.12 30.26
CA GLU A 521 -0.50 -9.39 30.58
C GLU A 521 0.43 -10.38 31.29
N LEU A 522 1.47 -10.83 30.61
CA LEU A 522 2.21 -12.00 31.05
C LEU A 522 3.10 -11.72 32.26
N ASP A 523 3.61 -10.49 32.41
CA ASP A 523 4.46 -10.20 33.55
C ASP A 523 3.73 -10.34 34.89
N SER A 524 2.39 -10.26 34.89
CA SER A 524 1.57 -10.44 36.08
C SER A 524 0.89 -11.80 36.16
N VAL A 525 0.39 -12.31 35.02
CA VAL A 525 -0.23 -13.63 35.06
C VAL A 525 0.82 -14.71 35.33
N LEU A 526 2.04 -14.51 34.85
CA LEU A 526 3.19 -15.33 35.21
C LEU A 526 4.00 -14.65 36.30
N GLY A 527 4.92 -15.40 36.87
CA GLY A 527 5.84 -14.81 37.81
C GLY A 527 6.77 -13.85 37.10
N PRO A 528 7.31 -12.87 37.83
CA PRO A 528 8.54 -12.22 37.33
C PRO A 528 9.60 -13.21 36.91
N GLU A 529 9.75 -14.32 37.65
CA GLU A 529 10.75 -15.33 37.32
C GLU A 529 10.35 -16.15 36.11
N VAL A 530 9.09 -16.60 36.08
CA VAL A 530 8.66 -17.40 34.95
C VAL A 530 8.59 -16.53 33.70
N CYS A 531 7.92 -15.38 33.76
CA CYS A 531 7.90 -14.46 32.62
C CYS A 531 9.30 -14.24 32.06
N SER A 532 10.30 -14.08 32.93
CA SER A 532 11.67 -13.95 32.46
C SER A 532 12.14 -15.24 31.79
N GLU A 533 11.68 -16.39 32.27
CA GLU A 533 12.13 -17.63 31.66
C GLU A 533 11.35 -17.94 30.40
N THR A 534 10.12 -17.43 30.25
CA THR A 534 9.46 -17.59 28.95
C THR A 534 9.95 -16.56 27.93
N GLN A 535 10.61 -15.48 28.37
CA GLN A 535 11.34 -14.67 27.40
C GLN A 535 12.47 -15.47 26.77
N GLU A 536 13.27 -16.15 27.60
CA GLU A 536 14.41 -16.89 27.11
C GLU A 536 13.97 -18.02 26.22
N LYS A 537 12.78 -18.56 26.48
CA LYS A 537 12.37 -19.73 25.74
C LYS A 537 11.79 -19.36 24.38
N VAL A 538 11.08 -18.24 24.25
CA VAL A 538 10.70 -17.90 22.89
C VAL A 538 11.87 -17.28 22.15
N ILE A 539 12.83 -16.72 22.87
CA ILE A 539 13.99 -16.17 22.19
C ILE A 539 14.77 -17.28 21.48
N ARG A 540 14.92 -18.44 22.12
CA ARG A 540 15.68 -19.48 21.44
C ARG A 540 14.82 -20.29 20.47
N ILE A 541 13.49 -20.38 20.67
CA ILE A 541 12.63 -20.87 19.60
C ILE A 541 12.78 -19.99 18.36
N ILE A 542 12.80 -18.67 18.53
CA ILE A 542 13.01 -17.76 17.40
C ILE A 542 14.35 -18.07 16.73
N ASN A 543 15.40 -18.22 17.52
CA ASN A 543 16.71 -18.51 16.94
C ASN A 543 16.74 -19.85 16.20
N GLN A 544 15.81 -20.76 16.51
CA GLN A 544 15.77 -22.03 15.78
C GLN A 544 15.04 -21.89 14.45
N VAL A 545 13.96 -21.11 14.43
CA VAL A 545 13.15 -20.91 13.23
C VAL A 545 13.87 -19.99 12.24
N SER A 546 14.74 -19.11 12.73
CA SER A 546 15.23 -18.02 11.89
C SER A 546 16.16 -18.52 10.79
N SER A 547 16.97 -19.53 11.06
CA SER A 547 17.87 -20.05 10.03
C SER A 547 17.12 -20.50 8.77
N ASP A 548 15.86 -20.95 8.90
CA ASP A 548 15.10 -21.51 7.79
C ASP A 548 13.93 -20.64 7.34
N ALA A 549 13.92 -19.35 7.71
CA ALA A 549 12.73 -18.51 7.53
C ALA A 549 12.77 -17.72 6.23
N GLU A 550 11.65 -17.73 5.50
CA GLU A 550 11.45 -16.88 4.34
C GLU A 550 10.50 -15.73 4.67
N GLU A 551 10.15 -14.95 3.64
CA GLU A 551 9.88 -13.52 3.81
C GLU A 551 8.74 -13.25 4.80
N ASP A 552 7.57 -13.84 4.57
CA ASP A 552 6.45 -13.55 5.46
C ASP A 552 6.75 -13.96 6.90
N THR A 553 7.57 -14.98 7.11
CA THR A 553 7.77 -15.49 8.45
C THR A 553 8.93 -14.80 9.18
N ASN A 554 9.82 -14.10 8.46
CA ASN A 554 10.74 -13.17 9.12
C ASN A 554 9.99 -11.99 9.72
N GLY A 555 9.01 -11.45 9.00
CA GLY A 555 8.22 -10.36 9.55
C GLY A 555 7.44 -10.79 10.78
N ALA A 556 7.01 -12.04 10.82
CA ALA A 556 6.32 -12.52 12.02
C ALA A 556 7.30 -12.73 13.17
N LEU A 557 8.56 -13.10 12.88
CA LEU A 557 9.52 -13.26 13.96
C LEU A 557 9.82 -11.91 14.59
N MET A 558 9.90 -10.85 13.76
CA MET A 558 10.19 -9.53 14.29
C MET A 558 9.07 -9.06 15.20
N GLU A 559 7.82 -9.28 14.79
CA GLU A 559 6.69 -8.97 15.65
C GLU A 559 6.76 -9.71 16.98
N VAL A 560 6.98 -11.03 16.94
CA VAL A 560 7.15 -11.78 18.19
C VAL A 560 8.27 -11.19 19.04
N LEU A 561 9.39 -10.83 18.42
CA LEU A 561 10.54 -10.34 19.16
C LEU A 561 10.20 -9.03 19.88
N SER A 562 9.50 -8.13 19.20
CA SER A 562 9.13 -6.88 19.83
C SER A 562 8.17 -7.09 20.98
N GLN A 563 7.34 -8.15 20.93
CA GLN A 563 6.55 -8.36 22.13
C GLN A 563 7.40 -8.93 23.26
N VAL A 564 8.39 -9.74 22.92
CA VAL A 564 9.35 -10.18 23.92
C VAL A 564 10.05 -8.98 24.55
N ILE A 565 10.51 -8.06 23.72
CA ILE A 565 11.24 -6.89 24.21
C ILE A 565 10.36 -6.08 25.17
N SER A 566 9.06 -5.97 24.86
CA SER A 566 8.10 -5.29 25.73
C SER A 566 8.18 -5.79 27.17
N TYR A 567 8.28 -7.11 27.36
CA TYR A 567 8.33 -7.71 28.69
C TYR A 567 9.72 -7.71 29.31
N ASN A 568 10.68 -7.02 28.71
CA ASN A 568 11.97 -6.83 29.35
C ASN A 568 11.79 -6.22 30.75
N PRO A 569 12.45 -6.77 31.78
CA PRO A 569 12.56 -5.90 32.96
C PRO A 569 13.52 -4.77 32.63
N PRO A 572 14.19 -2.18 34.50
CA PRO A 572 14.73 -1.76 35.80
C PRO A 572 15.83 -2.69 36.28
N HIS A 573 15.47 -3.87 36.77
CA HIS A 573 16.48 -4.86 37.12
C HIS A 573 17.06 -5.43 35.84
N SER A 574 18.29 -5.01 35.52
CA SER A 574 18.92 -5.29 34.25
C SER A 574 19.20 -6.79 34.07
N ARG A 575 19.44 -7.18 32.81
CA ARG A 575 19.91 -8.53 32.48
C ARG A 575 20.77 -8.44 31.23
N LYS A 576 22.10 -8.54 31.39
CA LYS A 576 23.03 -8.31 30.28
C LYS A 576 22.68 -9.13 29.05
N GLU A 577 22.51 -10.44 29.23
CA GLU A 577 22.57 -11.38 28.12
C GLU A 577 21.31 -11.32 27.27
N ILE A 578 20.13 -11.30 27.91
CA ILE A 578 18.90 -11.35 27.13
C ILE A 578 18.76 -10.13 26.22
N LEU A 579 19.24 -8.98 26.69
CA LEU A 579 19.28 -7.80 25.83
C LEU A 579 20.17 -8.02 24.62
N GLN A 580 21.35 -8.62 24.84
CA GLN A 580 22.27 -8.85 23.73
C GLN A 580 21.65 -9.82 22.71
N ALA A 581 20.87 -10.79 23.20
CA ALA A 581 20.26 -11.78 22.32
C ALA A 581 19.15 -11.16 21.48
N GLU A 582 18.38 -10.23 22.07
CA GLU A 582 17.31 -9.55 21.34
C GLU A 582 17.87 -8.69 20.24
N PHE A 583 18.92 -7.91 20.53
CA PHE A 583 19.44 -7.04 19.48
C PHE A 583 20.11 -7.85 18.37
N HIS A 584 20.86 -8.89 18.73
CA HIS A 584 21.42 -9.75 17.70
C HIS A 584 20.33 -10.28 16.77
N LEU A 585 19.22 -10.74 17.35
CA LEU A 585 18.08 -11.17 16.54
C LEU A 585 17.53 -10.05 15.67
N VAL A 586 17.33 -8.87 16.25
CA VAL A 586 16.82 -7.73 15.47
C VAL A 586 17.71 -7.48 14.26
N PHE A 587 19.03 -7.49 14.46
CA PHE A 587 19.93 -7.10 13.38
C PHE A 587 20.04 -8.20 12.33
N THR A 588 20.17 -9.46 12.74
CA THR A 588 20.38 -10.51 11.74
C THR A 588 19.12 -10.73 10.90
N ILE A 589 17.93 -10.72 11.53
CA ILE A 589 16.69 -10.88 10.77
C ILE A 589 16.52 -9.74 9.78
N SER A 590 16.84 -8.51 10.20
CA SER A 590 16.71 -7.35 9.33
C SER A 590 17.67 -7.44 8.15
N SER A 591 18.88 -7.95 8.40
CA SER A 591 19.82 -8.20 7.31
C SER A 591 19.31 -9.30 6.37
N GLU A 592 18.35 -10.11 6.81
CA GLU A 592 17.81 -11.17 5.96
C GLU A 592 16.73 -10.64 5.03
N ASP A 593 15.90 -9.72 5.51
CA ASP A 593 14.76 -9.24 4.73
C ASP A 593 14.57 -7.74 4.93
N PRO A 594 15.58 -6.95 4.55
CA PRO A 594 15.51 -5.50 4.80
C PRO A 594 14.49 -4.78 3.93
N ALA A 595 13.88 -5.44 2.96
CA ALA A 595 12.84 -4.81 2.16
C ALA A 595 11.44 -5.27 2.55
N ASN A 596 11.32 -6.22 3.47
CA ASN A 596 10.00 -6.67 3.90
C ASN A 596 9.36 -5.59 4.77
N VAL A 597 8.10 -5.27 4.50
CA VAL A 597 7.56 -4.06 5.13
C VAL A 597 7.38 -4.27 6.63
N GLN A 598 7.04 -5.48 7.06
CA GLN A 598 6.89 -5.72 8.49
C GLN A 598 8.25 -5.76 9.18
N VAL A 599 9.27 -6.35 8.54
CA VAL A 599 10.60 -6.30 9.12
C VAL A 599 11.06 -4.86 9.31
N VAL A 600 10.83 -3.99 8.31
CA VAL A 600 11.28 -2.61 8.44
C VAL A 600 10.56 -1.91 9.59
N VAL A 601 9.24 -2.07 9.69
CA VAL A 601 8.50 -1.37 10.74
C VAL A 601 8.80 -1.96 12.13
N GLN A 602 8.71 -3.29 12.28
CA GLN A 602 8.86 -3.89 13.62
C GLN A 602 10.29 -3.80 14.13
N SER A 603 11.29 -3.76 13.25
CA SER A 603 12.65 -3.72 13.79
C SER A 603 12.97 -2.34 14.36
N GLN A 604 12.37 -1.28 13.81
CA GLN A 604 12.63 0.04 14.36
C GLN A 604 12.00 0.21 15.73
N GLU A 605 10.80 -0.37 15.95
CA GLU A 605 10.19 -0.33 17.28
C GLU A 605 10.95 -1.21 18.28
N CYS A 606 11.26 -2.45 17.90
CA CYS A 606 12.22 -3.25 18.66
C CYS A 606 13.39 -2.41 19.17
N LEU A 607 14.00 -1.62 18.27
CA LEU A 607 15.15 -0.81 18.65
C LEU A 607 14.72 0.36 19.52
N GLU A 608 13.54 0.92 19.26
CA GLU A 608 13.07 2.03 20.08
C GLU A 608 12.69 1.57 21.48
N LYS A 609 12.29 0.31 21.64
CA LYS A 609 11.98 -0.20 22.97
C LYS A 609 13.22 -0.65 23.73
N LEU A 610 14.31 -0.95 23.04
CA LEU A 610 15.50 -1.41 23.76
C LEU A 610 16.23 -0.25 24.39
N LEU A 611 16.37 0.85 23.66
CA LEU A 611 16.96 2.07 24.15
C LEU A 611 15.92 3.05 24.67
N ASP A 612 14.69 2.59 24.86
CA ASP A 612 13.66 3.40 25.47
C ASP A 612 14.06 3.70 26.91
N ASN A 613 13.95 4.97 27.30
CA ASN A 613 14.22 5.53 28.63
C ASN A 613 15.50 5.00 29.30
N ILE A 614 16.61 4.91 28.56
CA ILE A 614 17.85 4.34 29.09
C ILE A 614 18.81 5.42 29.54
N ASN A 615 19.54 5.13 30.62
CA ASN A 615 20.50 6.03 31.23
C ASN A 615 21.83 6.03 30.46
N MET A 616 22.78 6.82 30.97
CA MET A 616 24.06 7.06 30.30
C MET A 616 25.01 5.87 30.43
N ASP A 617 24.99 5.17 31.57
CA ASP A 617 25.90 4.06 31.77
C ASP A 617 25.53 2.88 30.87
N ASN A 618 24.23 2.60 30.73
CA ASN A 618 23.79 1.56 29.81
C ASN A 618 24.02 1.97 28.36
N TYR A 619 23.85 3.26 28.06
CA TYR A 619 24.20 3.78 26.74
C TYR A 619 25.61 3.38 26.33
N LYS A 620 26.57 3.47 27.26
CA LYS A 620 27.96 3.17 26.91
C LYS A 620 28.15 1.70 26.54
N ASN A 621 27.33 0.81 27.10
CA ASN A 621 27.41 -0.59 26.69
C ASN A 621 26.64 -0.82 25.40
N TYR A 622 25.54 -0.10 25.18
CA TYR A 622 24.83 -0.21 23.91
C TYR A 622 25.71 0.24 22.74
N ILE A 623 26.65 1.17 22.97
CA ILE A 623 27.49 1.64 21.87
C ILE A 623 28.33 0.50 21.31
N GLU A 624 28.83 -0.35 22.19
CA GLU A 624 29.70 -1.43 21.75
C GLU A 624 28.89 -2.61 21.22
N LEU A 625 27.71 -2.82 21.77
CA LEU A 625 26.82 -3.87 21.31
C LEU A 625 26.22 -3.55 19.95
N CYS A 626 25.92 -2.28 19.68
CA CYS A 626 25.09 -1.90 18.54
C CYS A 626 25.86 -1.30 17.38
N LEU A 627 26.79 -0.40 17.64
CA LEU A 627 27.26 0.39 16.52
C LEU A 627 28.15 -0.39 15.57
N PRO A 628 29.06 -1.28 16.02
CA PRO A 628 29.94 -1.95 15.05
C PRO A 628 29.18 -2.76 13.98
N SER A 629 28.02 -3.34 14.31
CA SER A 629 27.21 -3.98 13.29
C SER A 629 26.73 -2.98 12.24
N PHE A 630 26.28 -1.80 12.69
CA PHE A 630 25.78 -0.80 11.74
C PHE A 630 26.88 -0.33 10.81
N ILE A 631 28.10 -0.15 11.33
CA ILE A 631 29.18 0.35 10.47
C ILE A 631 29.62 -0.73 9.47
N ASN A 632 29.45 -2.01 9.80
CA ASN A 632 29.71 -3.07 8.81
C ASN A 632 28.85 -2.88 7.57
N VAL A 633 27.54 -2.63 7.77
CA VAL A 633 26.64 -2.48 6.64
C VAL A 633 27.05 -1.30 5.78
N LEU A 634 27.39 -0.17 6.42
CA LEU A 634 27.84 1.00 5.66
C LEU A 634 29.16 0.72 4.98
N ASP A 635 30.09 0.03 5.66
CA ASP A 635 31.37 -0.33 5.04
C ASP A 635 31.15 -1.19 3.81
N SER A 636 30.28 -2.20 3.92
CA SER A 636 30.02 -3.08 2.80
C SER A 636 29.41 -2.31 1.64
N ASN A 637 28.57 -1.33 1.95
CA ASN A 637 27.80 -0.67 0.91
C ASN A 637 28.59 0.34 0.10
N ASN A 638 29.82 0.68 0.50
CA ASN A 638 30.68 1.46 -0.37
C ASN A 638 31.07 0.68 -1.61
N ALA A 639 31.24 -0.66 -1.49
CA ALA A 639 31.50 -1.49 -2.66
C ALA A 639 30.47 -1.22 -3.75
N ASN A 640 29.20 -1.03 -3.34
CA ASN A 640 28.07 -0.73 -4.20
C ASN A 640 27.91 0.78 -4.47
N ASN A 641 28.91 1.61 -4.12
CA ASN A 641 28.90 3.08 -4.32
C ASN A 641 27.74 3.77 -3.61
N TYR A 642 27.33 3.23 -2.47
CA TYR A 642 26.20 3.75 -1.67
C TYR A 642 24.97 4.03 -2.51
N ARG A 643 24.80 3.29 -3.62
CA ARG A 643 23.54 3.35 -4.33
C ARG A 643 22.44 2.79 -3.45
N TYR A 644 21.20 2.99 -3.86
CA TYR A 644 20.10 2.54 -3.04
C TYR A 644 20.23 1.06 -2.70
N SER A 645 19.97 0.73 -1.43
CA SER A 645 20.15 -0.54 -0.78
C SER A 645 19.24 -0.60 0.45
N PRO A 646 18.21 -1.44 0.46
CA PRO A 646 17.24 -1.39 1.56
C PRO A 646 17.83 -1.61 2.95
N LEU A 647 18.93 -2.32 3.06
CA LEU A 647 19.56 -2.47 4.36
C LEU A 647 20.37 -1.23 4.72
N LEU A 648 20.98 -0.59 3.72
CA LEU A 648 21.58 0.72 3.94
C LEU A 648 20.56 1.67 4.56
N SER A 649 19.45 1.91 3.85
CA SER A 649 18.41 2.79 4.36
C SER A 649 17.95 2.36 5.73
N LEU A 650 17.83 1.05 5.95
CA LEU A 650 17.35 0.61 7.26
C LEU A 650 18.41 0.81 8.33
N VAL A 651 19.70 0.70 7.99
CA VAL A 651 20.69 0.81 9.05
C VAL A 651 20.92 2.28 9.40
N LEU A 652 20.80 3.17 8.41
CA LEU A 652 20.84 4.60 8.69
C LEU A 652 19.70 5.00 9.62
N GLU A 653 18.50 4.44 9.42
CA GLU A 653 17.40 4.73 10.33
C GLU A 653 17.67 4.15 11.72
N PHE A 654 18.26 2.96 11.79
CA PHE A 654 18.73 2.44 13.07
C PHE A 654 19.66 3.44 13.73
N ILE A 655 20.58 4.03 12.95
CA ILE A 655 21.57 4.93 13.51
C ILE A 655 20.89 6.16 14.09
N THR A 656 19.95 6.73 13.33
CA THR A 656 19.22 7.90 13.78
C THR A 656 18.34 7.56 14.98
N VAL A 657 17.81 6.33 15.04
CA VAL A 657 17.05 5.97 16.24
C VAL A 657 17.99 5.83 17.42
N PHE A 658 19.23 5.39 17.18
CA PHE A 658 20.19 5.30 18.28
C PHE A 658 20.56 6.68 18.82
N LEU A 659 20.95 7.59 17.91
CA LEU A 659 21.45 8.91 18.33
C LEU A 659 20.43 9.66 19.16
N LYS A 660 19.18 9.75 18.68
CA LYS A 660 18.00 10.36 19.29
C LYS A 660 17.46 9.59 20.47
N LYS A 661 18.14 8.58 21.01
CA LYS A 661 17.73 7.96 22.25
C LYS A 661 18.69 8.31 23.37
N LYS A 662 19.65 9.18 23.11
CA LYS A 662 20.53 9.66 24.16
C LYS A 662 19.71 10.31 25.28
N PRO A 663 20.17 10.18 26.52
CA PRO A 663 19.55 10.92 27.63
C PRO A 663 19.41 12.40 27.31
N ASN A 664 18.24 12.96 27.63
CA ASN A 664 18.02 14.38 27.36
C ASN A 664 19.03 15.26 28.08
N ASP A 665 19.44 14.84 29.28
CA ASP A 665 20.52 15.50 30.00
C ASP A 665 21.83 14.89 29.53
N GLY A 666 22.53 15.59 28.64
CA GLY A 666 23.86 15.19 28.29
C GLY A 666 24.18 15.28 26.81
N PHE A 667 25.46 15.16 26.48
CA PHE A 667 25.85 15.05 25.08
C PHE A 667 25.95 13.59 24.68
N LEU A 668 26.03 13.36 23.38
CA LEU A 668 26.42 12.04 22.90
C LEU A 668 27.81 11.75 23.43
N PRO A 669 28.06 10.58 23.98
CA PRO A 669 29.44 10.24 24.36
C PRO A 669 30.40 10.44 23.19
N ASP A 670 31.69 10.55 23.49
CA ASP A 670 32.66 10.81 22.43
C ASP A 670 32.86 9.61 21.52
N GLU A 671 32.65 8.39 22.05
CA GLU A 671 32.81 7.18 21.25
C GLU A 671 31.89 7.18 20.05
N ILE A 672 30.66 7.71 20.22
CA ILE A 672 29.72 7.74 19.11
C ILE A 672 30.30 8.51 17.94
N ASN A 673 30.96 9.62 18.24
CA ASN A 673 31.52 10.43 17.16
C ASN A 673 32.63 9.67 16.43
N GLN A 674 33.54 9.05 17.16
CA GLN A 674 34.67 8.40 16.51
C GLN A 674 34.29 7.08 15.83
N TYR A 675 33.21 6.42 16.26
CA TYR A 675 32.68 5.27 15.53
C TYR A 675 32.02 5.71 14.22
N LEU A 676 31.17 6.74 14.28
CA LEU A 676 30.22 7.02 13.22
C LEU A 676 30.71 8.02 12.18
N PHE A 677 31.74 8.80 12.49
CA PHE A 677 31.98 10.01 11.70
C PHE A 677 32.47 9.67 10.30
N GLU A 678 33.61 9.02 10.17
CA GLU A 678 34.01 8.87 8.77
C GLU A 678 33.16 7.86 7.99
N PRO A 679 32.50 6.87 8.63
CA PRO A 679 31.47 6.10 7.87
C PRO A 679 30.36 6.96 7.30
N LEU A 680 29.73 7.82 8.13
CA LEU A 680 28.64 8.67 7.64
C LEU A 680 29.16 9.68 6.64
N ALA A 681 30.32 10.28 6.94
CA ALA A 681 30.96 11.18 6.00
C ALA A 681 31.12 10.52 4.63
N LYS A 682 31.65 9.29 4.61
CA LYS A 682 31.88 8.62 3.32
C LYS A 682 30.58 8.46 2.54
N VAL A 683 29.55 7.88 3.17
CA VAL A 683 28.23 7.86 2.55
C VAL A 683 27.92 9.19 1.87
N LEU A 684 28.06 10.31 2.62
CA LEU A 684 27.72 11.63 2.06
C LEU A 684 28.70 12.09 1.00
N ALA A 685 29.97 11.69 1.10
CA ALA A 685 30.92 12.09 0.07
C ALA A 685 30.65 11.37 -1.26
N PHE A 686 30.12 10.14 -1.25
CA PHE A 686 29.98 9.40 -2.52
C PHE A 686 28.54 9.14 -2.98
N SER A 687 27.60 8.91 -2.08
CA SER A 687 26.26 8.57 -2.54
C SER A 687 25.66 9.68 -3.39
N THR A 688 24.84 9.28 -4.35
CA THR A 688 24.11 10.19 -5.21
C THR A 688 22.64 9.85 -5.17
N GLU A 689 22.21 9.15 -4.14
CA GLU A 689 20.87 8.60 -4.07
C GLU A 689 20.06 9.35 -3.02
N ASP A 690 18.91 9.91 -3.42
CA ASP A 690 18.26 10.93 -2.61
C ASP A 690 17.93 10.42 -1.22
N GLU A 691 17.37 9.19 -1.11
CA GLU A 691 16.98 8.72 0.21
C GLU A 691 18.19 8.41 1.07
N THR A 692 19.25 7.89 0.48
CA THR A 692 20.46 7.65 1.25
C THR A 692 21.08 8.95 1.74
N LEU A 693 21.20 9.94 0.85
CA LEU A 693 21.79 11.22 1.23
C LEU A 693 20.96 11.89 2.33
N GLN A 694 19.65 11.78 2.25
CA GLN A 694 18.81 12.47 3.21
C GLN A 694 18.90 11.84 4.58
N LEU A 695 18.89 10.50 4.65
CA LEU A 695 18.99 9.83 5.95
C LEU A 695 20.37 10.04 6.56
N ALA A 696 21.42 9.98 5.73
CA ALA A 696 22.76 10.20 6.26
C ALA A 696 22.96 11.65 6.69
N THR A 697 22.45 12.60 5.89
CA THR A 697 22.56 14.01 6.25
C THR A 697 21.96 14.27 7.63
N GLU A 698 20.76 13.76 7.88
CA GLU A 698 20.17 14.07 9.17
C GLU A 698 20.86 13.34 10.30
N ALA A 699 21.42 12.16 10.05
CA ALA A 699 22.18 11.50 11.11
C ALA A 699 23.46 12.25 11.41
N PHE A 700 24.08 12.81 10.37
CA PHE A 700 25.40 13.43 10.47
C PHE A 700 25.31 14.76 11.19
N SER A 701 24.45 15.63 10.68
CA SER A 701 24.07 16.87 11.35
C SER A 701 23.76 16.63 12.83
N TYR A 702 22.91 15.65 13.12
CA TYR A 702 22.59 15.39 14.51
C TYR A 702 23.82 15.00 15.30
N LEU A 703 24.73 14.25 14.70
CA LEU A 703 25.95 13.91 15.42
C LEU A 703 26.82 15.14 15.66
N ILE A 704 26.88 16.07 14.71
CA ILE A 704 27.67 17.29 14.86
C ILE A 704 27.05 18.20 15.92
N PHE A 705 25.72 18.34 15.90
CA PHE A 705 25.02 19.19 16.84
C PHE A 705 25.10 18.68 18.27
N ASN A 706 25.33 17.38 18.51
CA ASN A 706 25.14 16.85 19.86
C ASN A 706 26.35 16.14 20.44
N THR A 707 27.56 16.36 19.93
CA THR A 707 28.75 15.93 20.64
C THR A 707 29.62 17.14 21.02
N ASP A 708 30.35 16.99 22.12
CA ASP A 708 31.17 18.06 22.66
C ASP A 708 32.06 18.66 21.59
N THR A 709 32.30 19.97 21.72
CA THR A 709 32.99 20.74 20.69
C THR A 709 34.45 20.33 20.53
N ARG A 710 35.14 20.02 21.64
CA ARG A 710 36.55 19.68 21.51
C ARG A 710 36.71 18.28 20.93
N ALA A 711 35.70 17.43 21.08
CA ALA A 711 35.66 16.17 20.35
C ALA A 711 35.58 16.42 18.85
N MET A 712 34.71 17.36 18.43
CA MET A 712 34.48 17.59 17.01
C MET A 712 35.53 18.48 16.35
N GLU A 713 36.26 19.27 17.14
CA GLU A 713 37.21 20.27 16.66
C GLU A 713 38.05 19.85 15.45
N PRO A 714 38.76 18.71 15.46
CA PRO A 714 39.60 18.39 14.29
C PRO A 714 38.81 17.95 13.07
N ARG A 715 37.50 17.77 13.18
CA ARG A 715 36.70 17.27 12.06
C ARG A 715 36.15 18.37 11.17
N LEU A 716 36.25 19.64 11.56
CA LEU A 716 35.51 20.69 10.87
C LEU A 716 35.95 20.81 9.41
N MET A 717 37.26 20.82 9.17
CA MET A 717 37.74 20.92 7.79
C MET A 717 37.15 19.83 6.93
N ASP A 718 36.86 18.66 7.54
CA ASP A 718 36.20 17.55 6.86
C ASP A 718 34.69 17.77 6.74
N ILE A 719 34.05 18.30 7.79
CA ILE A 719 32.64 18.64 7.69
C ILE A 719 32.41 19.64 6.56
N MET A 720 33.38 20.54 6.33
CA MET A 720 33.24 21.49 5.22
C MET A 720 33.19 20.76 3.89
N LYS A 721 34.12 19.83 3.64
CA LYS A 721 34.15 19.14 2.35
C LYS A 721 32.86 18.35 2.11
N VAL A 722 32.31 17.73 3.14
CA VAL A 722 30.96 17.15 3.05
C VAL A 722 29.97 18.20 2.55
N LEU A 723 29.90 19.34 3.25
CA LEU A 723 28.91 20.37 2.96
C LEU A 723 29.11 20.93 1.54
N GLU A 724 30.35 21.23 1.16
CA GLU A 724 30.57 21.76 -0.18
C GLU A 724 30.10 20.79 -1.25
N ARG A 725 30.24 19.49 -1.00
CA ARG A 725 29.87 18.52 -2.02
C ARG A 725 28.36 18.34 -2.08
N LEU A 726 27.69 18.31 -0.93
CA LEU A 726 26.22 18.32 -0.93
C LEU A 726 25.62 19.57 -1.60
N LEU A 727 26.39 20.65 -1.80
CA LEU A 727 25.89 21.75 -2.62
C LEU A 727 26.45 21.75 -4.04
N SER A 728 27.43 20.89 -4.32
CA SER A 728 27.93 20.72 -5.68
C SER A 728 26.86 20.07 -6.56
N LEU A 729 27.06 20.15 -7.88
CA LEU A 729 26.12 19.54 -8.82
C LEU A 729 26.25 18.03 -8.90
N GLU A 730 27.16 17.42 -8.13
CA GLU A 730 27.21 15.96 -8.06
C GLU A 730 25.94 15.37 -7.45
N VAL A 731 25.19 16.16 -6.67
CA VAL A 731 23.99 15.68 -6.00
C VAL A 731 22.79 16.50 -6.47
N SER A 732 21.60 15.92 -6.35
CA SER A 732 20.38 16.51 -6.88
C SER A 732 19.92 17.73 -6.07
N ASP A 733 18.92 18.42 -6.61
CA ASP A 733 18.36 19.59 -5.92
C ASP A 733 17.80 19.20 -4.55
N SER A 734 17.06 18.10 -4.49
CA SER A 734 16.48 17.72 -3.21
C SER A 734 17.52 17.22 -2.23
N ALA A 735 18.73 16.92 -2.71
CA ALA A 735 19.82 16.60 -1.79
C ALA A 735 20.44 17.87 -1.23
N ALA A 736 20.54 18.91 -2.06
CA ALA A 736 20.99 20.21 -1.59
C ALA A 736 20.08 20.74 -0.49
N MET A 737 18.76 20.58 -0.63
CA MET A 737 17.80 21.00 0.38
C MET A 737 17.89 20.36 1.77
N ASN A 738 18.76 19.37 2.00
CA ASN A 738 18.91 18.86 3.37
C ASN A 738 20.04 19.57 4.10
N VAL A 739 20.73 20.48 3.42
CA VAL A 739 21.96 21.09 3.93
C VAL A 739 21.66 22.03 5.09
N GLY A 740 20.50 22.68 5.06
CA GLY A 740 20.11 23.66 6.05
C GLY A 740 20.54 23.33 7.45
N PRO A 741 20.04 22.20 7.98
CA PRO A 741 20.39 21.81 9.36
C PRO A 741 21.84 21.42 9.56
N LEU A 742 22.62 21.23 8.49
CA LEU A 742 24.04 21.00 8.72
C LEU A 742 24.77 22.32 8.92
N VAL A 743 24.43 23.35 8.12
CA VAL A 743 24.94 24.70 8.34
C VAL A 743 24.66 25.15 9.76
N VAL A 744 23.41 24.99 10.21
CA VAL A 744 23.06 25.38 11.59
C VAL A 744 23.99 24.70 12.58
N ALA A 745 24.15 23.38 12.45
CA ALA A 745 24.93 22.64 13.43
C ALA A 745 26.38 23.11 13.47
N ILE A 746 26.97 23.50 12.34
CA ILE A 746 28.39 23.84 12.43
C ILE A 746 28.58 25.27 12.96
N PHE A 747 27.61 26.18 12.74
CA PHE A 747 27.66 27.45 13.47
C PHE A 747 27.37 27.25 14.94
N THR A 748 26.35 26.43 15.26
CA THR A 748 25.91 26.22 16.64
C THR A 748 26.95 25.51 17.49
N ARG A 749 27.99 24.91 16.89
CA ARG A 749 28.98 24.22 17.69
C ARG A 749 30.42 24.52 17.29
N PHE A 750 30.66 25.21 16.18
CA PHE A 750 31.99 25.72 15.86
C PHE A 750 31.98 27.25 15.75
N SER A 751 31.28 27.90 16.69
CA SER A 751 31.06 29.35 16.60
C SER A 751 32.36 30.13 16.50
N LYS A 752 33.31 29.83 17.40
CA LYS A 752 34.63 30.45 17.30
C LYS A 752 35.30 30.12 15.97
N GLU A 753 35.50 28.83 15.69
CA GLU A 753 36.40 28.51 14.59
C GLU A 753 35.74 28.54 13.22
N ILE A 754 34.44 28.81 13.11
CA ILE A 754 33.83 28.88 11.77
C ILE A 754 34.17 30.19 11.06
N GLN A 755 34.44 31.27 11.80
CA GLN A 755 34.49 32.61 11.22
C GLN A 755 35.39 32.74 9.98
N PRO A 756 36.59 32.18 9.92
CA PRO A 756 37.35 32.24 8.68
C PRO A 756 36.87 31.30 7.58
N LEU A 757 35.84 30.48 7.82
CA LEU A 757 35.31 29.60 6.78
C LEU A 757 33.93 30.01 6.31
N ILE A 758 33.36 31.08 6.88
CA ILE A 758 32.05 31.54 6.45
C ILE A 758 32.05 31.89 4.96
N GLY A 759 33.17 32.39 4.46
CA GLY A 759 33.24 32.75 3.05
C GLY A 759 33.06 31.57 2.12
N ARG A 760 33.54 30.39 2.54
CA ARG A 760 33.33 29.20 1.70
C ARG A 760 31.90 28.69 1.79
N ILE A 761 31.34 28.65 3.00
CA ILE A 761 29.92 28.32 3.16
C ILE A 761 29.07 29.19 2.25
N LEU A 762 29.36 30.49 2.21
CA LEU A 762 28.57 31.42 1.42
C LEU A 762 28.74 31.19 -0.07
N GLU A 763 29.99 31.10 -0.54
CA GLU A 763 30.24 30.78 -1.95
C GLU A 763 29.51 29.51 -2.36
N ALA A 764 29.53 28.49 -1.49
CA ALA A 764 28.83 27.25 -1.80
C ALA A 764 27.34 27.48 -1.99
N VAL A 765 26.71 28.16 -1.02
CA VAL A 765 25.27 28.39 -1.08
C VAL A 765 24.93 29.26 -2.28
N VAL A 766 25.77 30.26 -2.56
CA VAL A 766 25.45 31.23 -3.59
C VAL A 766 25.55 30.61 -4.98
N VAL A 767 26.69 29.96 -5.32
CA VAL A 767 26.81 29.42 -6.67
C VAL A 767 25.74 28.36 -6.92
N ARG A 768 25.38 27.60 -5.88
CA ARG A 768 24.24 26.68 -6.05
C ARG A 768 22.97 27.46 -6.34
N LEU A 769 22.64 28.44 -5.46
CA LEU A 769 21.36 29.16 -5.56
C LEU A 769 21.14 29.74 -6.95
N ILE A 770 22.17 30.35 -7.56
CA ILE A 770 21.92 30.96 -8.86
C ILE A 770 21.87 29.92 -9.97
N LYS A 771 22.47 28.74 -9.76
CA LYS A 771 22.39 27.70 -10.78
C LYS A 771 21.05 26.97 -10.77
N THR A 772 20.25 27.08 -9.71
CA THR A 772 18.96 26.39 -9.66
C THR A 772 17.85 27.30 -10.15
N GLN A 773 16.88 26.71 -10.86
CA GLN A 773 15.69 27.43 -11.29
C GLN A 773 14.41 26.88 -10.68
N ASN A 774 14.50 25.84 -9.86
CA ASN A 774 13.32 25.31 -9.17
C ASN A 774 13.00 26.20 -7.98
N ILE A 775 11.84 26.87 -8.06
CA ILE A 775 11.46 27.86 -7.05
C ILE A 775 11.57 27.28 -5.65
N SER A 776 11.09 26.05 -5.47
CA SER A 776 11.07 25.47 -4.13
C SER A 776 12.48 25.24 -3.59
N THR A 777 13.42 24.83 -4.47
CA THR A 777 14.79 24.62 -4.03
C THR A 777 15.46 25.95 -3.71
N GLU A 778 15.20 26.97 -4.54
CA GLU A 778 15.65 28.33 -4.21
C GLU A 778 15.26 28.70 -2.78
N GLN A 779 13.99 28.49 -2.41
CA GLN A 779 13.53 28.85 -1.07
C GLN A 779 14.33 28.13 0.01
N ASN A 780 14.64 26.87 -0.23
CA ASN A 780 15.36 26.10 0.77
C ASN A 780 16.74 26.69 1.00
N LEU A 781 17.39 27.12 -0.08
CA LEU A 781 18.74 27.67 -0.04
C LEU A 781 18.72 29.13 0.42
N LEU A 782 17.75 29.90 -0.07
CA LEU A 782 17.53 31.25 0.46
C LEU A 782 17.38 31.21 1.97
N SER A 783 16.71 30.18 2.47
CA SER A 783 16.60 30.03 3.91
C SER A 783 17.99 29.96 4.56
N VAL A 784 18.90 29.15 4.00
CA VAL A 784 20.27 29.10 4.52
C VAL A 784 20.95 30.46 4.36
N LEU A 785 20.69 31.13 3.25
CA LEU A 785 21.27 32.45 3.05
C LEU A 785 20.74 33.43 4.11
N CYS A 786 19.41 33.42 4.37
CA CYS A 786 18.82 34.21 5.45
C CYS A 786 19.54 33.97 6.76
N PHE A 787 19.84 32.71 7.05
CA PHE A 787 20.57 32.41 8.27
C PHE A 787 21.95 33.05 8.26
N LEU A 788 22.58 33.14 7.08
CA LEU A 788 23.96 33.60 7.03
C LEU A 788 24.04 35.11 7.03
N THR A 789 23.08 35.80 6.42
CA THR A 789 23.08 37.23 6.50
C THR A 789 22.76 37.71 7.92
N CYS A 790 21.83 37.03 8.61
CA CYS A 790 21.59 37.38 10.02
C CYS A 790 22.83 37.20 10.87
N ASN A 791 23.63 36.19 10.57
CA ASN A 791 24.80 35.95 11.41
C ASN A 791 25.86 37.03 11.21
N ASP A 792 25.93 37.61 10.00
CA ASP A 792 26.86 38.70 9.70
C ASP A 792 26.44 39.41 8.41
N PRO A 793 25.59 40.44 8.51
CA PRO A 793 25.06 41.05 7.27
C PRO A 793 26.14 41.69 6.41
N LYS A 794 27.15 42.32 7.04
CA LYS A 794 28.24 42.95 6.31
C LYS A 794 29.04 41.94 5.48
N GLN A 795 29.58 40.91 6.15
CA GLN A 795 30.43 39.93 5.46
C GLN A 795 29.70 39.31 4.28
N THR A 796 28.38 39.14 4.41
CA THR A 796 27.55 38.68 3.31
C THR A 796 27.56 39.68 2.14
N VAL A 797 27.35 40.96 2.43
CA VAL A 797 27.32 41.95 1.35
C VAL A 797 28.72 42.14 0.77
N ASP A 798 29.75 42.14 1.62
CA ASP A 798 31.15 42.14 1.19
C ASP A 798 31.44 40.97 0.26
N PHE A 799 31.37 39.73 0.77
CA PHE A 799 31.62 38.59 -0.09
C PHE A 799 30.81 38.70 -1.38
N LEU A 800 29.50 38.93 -1.26
CA LEU A 800 28.66 38.84 -2.45
C LEU A 800 28.94 39.98 -3.42
N SER A 801 29.48 41.10 -2.92
CA SER A 801 29.84 42.25 -3.74
C SER A 801 31.30 42.27 -4.14
N SER A 802 32.03 41.18 -3.89
CA SER A 802 33.35 40.98 -4.48
C SER A 802 33.41 39.69 -5.30
N PHE A 803 32.51 38.75 -5.04
CA PHE A 803 32.53 37.48 -5.71
C PHE A 803 31.86 37.58 -7.09
N GLN A 804 32.57 37.14 -8.13
CA GLN A 804 32.13 37.29 -9.50
C GLN A 804 31.48 36.02 -10.03
N ILE A 805 30.33 36.17 -10.66
CA ILE A 805 29.65 35.08 -11.34
C ILE A 805 29.38 35.49 -12.76
N ASP A 806 29.92 34.73 -13.72
CA ASP A 806 29.69 34.97 -15.14
C ASP A 806 29.73 36.48 -15.39
N ASN A 807 30.93 37.04 -15.26
CA ASN A 807 31.28 38.40 -15.69
C ASN A 807 30.73 39.53 -14.83
N THR A 808 29.62 39.32 -14.09
CA THR A 808 29.04 40.35 -13.22
C THR A 808 29.13 39.97 -11.75
N ASP A 809 28.99 40.99 -10.91
CA ASP A 809 28.98 40.76 -9.48
C ASP A 809 27.70 40.03 -9.07
N ALA A 810 27.86 39.07 -8.14
CA ALA A 810 26.74 38.28 -7.63
C ALA A 810 25.64 39.14 -7.03
N LEU A 811 26.00 40.30 -6.47
CA LEU A 811 25.07 41.08 -5.66
C LEU A 811 23.76 41.33 -6.38
N THR A 812 23.81 41.88 -7.59
CA THR A 812 22.59 42.15 -8.34
C THR A 812 21.78 40.86 -8.51
N LEU A 813 22.43 39.83 -9.09
CA LEU A 813 21.73 38.59 -9.43
C LEU A 813 21.08 37.92 -8.22
N VAL A 814 21.84 37.74 -7.14
CA VAL A 814 21.27 37.15 -5.92
C VAL A 814 20.08 37.98 -5.42
N MET A 815 20.26 39.30 -5.24
CA MET A 815 19.21 40.12 -4.62
C MET A 815 17.94 40.10 -5.44
N ARG A 816 18.08 40.16 -6.76
CA ARG A 816 16.92 40.04 -7.65
C ARG A 816 16.27 38.68 -7.52
N LYS A 817 17.07 37.62 -7.46
CA LYS A 817 16.48 36.29 -7.29
C LYS A 817 15.84 36.19 -5.92
N TRP A 818 16.48 36.79 -4.91
CA TRP A 818 15.92 36.82 -3.57
C TRP A 818 14.54 37.47 -3.56
N ILE A 819 14.44 38.70 -4.12
CA ILE A 819 13.18 39.43 -4.13
C ILE A 819 12.11 38.64 -4.88
N GLU A 820 12.46 38.11 -6.06
CA GLU A 820 11.46 37.36 -6.82
C GLU A 820 10.96 36.15 -6.04
N ALA A 821 11.83 35.50 -5.27
CA ALA A 821 11.37 34.38 -4.46
C ALA A 821 10.46 34.85 -3.33
N PHE A 822 10.88 35.91 -2.62
CA PHE A 822 10.08 36.41 -1.49
C PHE A 822 8.65 36.69 -1.90
N GLU A 823 8.44 37.15 -3.14
CA GLU A 823 7.09 37.46 -3.61
C GLU A 823 6.15 36.25 -3.69
N VAL A 824 6.66 35.02 -3.77
CA VAL A 824 5.75 33.87 -3.82
C VAL A 824 6.00 32.87 -2.68
N ILE A 825 6.70 33.31 -1.62
CA ILE A 825 6.93 32.45 -0.47
C ILE A 825 5.62 32.09 0.21
N ARG A 826 5.67 31.02 1.02
CA ARG A 826 4.57 30.52 1.85
C ARG A 826 5.13 29.99 3.15
N GLY A 827 4.29 30.03 4.18
CA GLY A 827 4.70 29.49 5.46
C GLY A 827 5.21 30.56 6.41
N GLU A 828 4.50 30.69 7.54
CA GLU A 828 4.82 31.69 8.54
C GLU A 828 6.31 31.74 8.84
N LYS A 829 6.95 30.58 9.05
CA LYS A 829 8.34 30.60 9.49
C LYS A 829 9.25 31.10 8.39
N ARG A 830 8.91 30.78 7.14
CA ARG A 830 9.69 31.26 6.00
C ARG A 830 9.55 32.76 5.84
N ILE A 831 8.32 33.27 5.97
CA ILE A 831 8.13 34.71 5.83
C ILE A 831 8.95 35.45 6.88
N LYS A 832 8.96 34.96 8.12
CA LYS A 832 9.67 35.68 9.18
C LYS A 832 11.17 35.67 8.93
N GLU A 833 11.75 34.52 8.58
CA GLU A 833 13.20 34.51 8.48
C GLU A 833 13.66 35.32 7.28
N ASN A 834 12.81 35.46 6.25
CA ASN A 834 13.14 36.39 5.18
C ASN A 834 12.95 37.84 5.60
N ILE A 835 11.89 38.14 6.38
CA ILE A 835 11.70 39.51 6.85
C ILE A 835 12.89 39.96 7.70
N VAL A 836 13.31 39.12 8.65
CA VAL A 836 14.46 39.46 9.49
C VAL A 836 15.71 39.65 8.63
N ALA A 837 15.97 38.72 7.71
CA ALA A 837 17.16 38.81 6.87
C ALA A 837 17.17 40.10 6.06
N LEU A 838 16.11 40.37 5.30
CA LEU A 838 16.08 41.56 4.47
C LEU A 838 16.05 42.85 5.32
N SER A 839 15.42 42.81 6.50
CA SER A 839 15.50 43.93 7.43
C SER A 839 16.94 44.22 7.83
N ASN A 840 17.77 43.17 7.93
CA ASN A 840 19.15 43.43 8.31
C ASN A 840 19.91 44.08 7.16
N LEU A 841 19.56 43.74 5.92
CA LEU A 841 20.18 44.39 4.78
C LEU A 841 19.75 45.85 4.71
N PHE A 842 18.48 46.13 5.03
CA PHE A 842 18.01 47.51 4.98
C PHE A 842 18.77 48.36 6.00
N PHE A 843 18.87 47.89 7.25
CA PHE A 843 19.57 48.60 8.31
C PHE A 843 21.07 48.68 8.10
N LEU A 844 21.59 48.12 7.02
CA LEU A 844 23.00 48.33 6.71
C LEU A 844 23.22 49.70 6.07
N ASN A 845 22.24 50.20 5.35
CA ASN A 845 22.36 51.49 4.66
C ASN A 845 23.59 51.44 3.77
N ASP A 846 23.74 50.28 3.12
CA ASP A 846 24.94 49.92 2.37
C ASP A 846 24.94 50.61 1.02
N LYS A 847 25.98 51.40 0.79
CA LYS A 847 26.33 52.04 -0.46
C LYS A 847 26.00 51.16 -1.68
N ARG A 848 26.33 49.88 -1.60
CA ARG A 848 26.19 48.97 -2.74
C ARG A 848 24.77 48.43 -2.86
N LEU A 849 24.16 48.01 -1.74
CA LEU A 849 22.78 47.53 -1.80
C LEU A 849 21.85 48.62 -2.33
N GLN A 850 22.02 49.87 -1.89
CA GLN A 850 21.11 50.93 -2.32
C GLN A 850 21.09 51.05 -3.84
N LYS A 851 22.23 50.84 -4.48
CA LYS A 851 22.38 51.01 -5.92
C LYS A 851 21.84 49.84 -6.76
N VAL A 852 21.53 48.69 -6.18
CA VAL A 852 21.00 47.62 -7.02
C VAL A 852 19.51 47.88 -7.27
N VAL A 853 19.02 47.36 -8.38
CA VAL A 853 17.65 47.57 -8.86
C VAL A 853 17.01 46.23 -9.19
N VAL A 854 15.79 46.01 -8.70
CA VAL A 854 15.05 44.80 -8.99
C VAL A 854 13.85 45.17 -9.85
N ASN A 855 13.07 44.19 -10.29
CA ASN A 855 11.99 44.42 -11.23
C ASN A 855 10.71 44.82 -10.54
N GLY A 856 10.14 45.94 -10.97
CA GLY A 856 8.84 46.35 -10.51
C GLY A 856 7.73 45.90 -11.43
N ASN A 857 7.16 46.85 -12.19
CA ASN A 857 5.92 46.66 -12.96
C ASN A 857 6.19 46.26 -14.40
N LEU A 858 5.34 45.38 -14.92
CA LEU A 858 5.38 45.04 -16.35
C LEU A 858 5.03 46.26 -17.18
N ILE A 859 5.87 46.56 -18.17
CA ILE A 859 5.63 47.66 -19.10
C ILE A 859 5.17 47.06 -20.42
N PRO A 860 4.07 47.57 -21.03
CA PRO A 860 3.56 47.07 -22.32
C PRO A 860 4.23 47.74 -23.53
N PRO A 876 11.18 39.22 -24.30
CA PRO A 876 10.36 40.21 -25.06
C PRO A 876 9.75 41.24 -24.10
N ASP A 877 9.77 40.99 -22.79
CA ASP A 877 9.04 41.80 -21.83
C ASP A 877 10.00 42.60 -20.96
N ARG A 878 9.50 43.71 -20.42
CA ARG A 878 10.33 44.67 -19.68
C ARG A 878 9.62 45.10 -18.39
N TYR A 879 10.41 45.66 -17.47
CA TYR A 879 9.89 46.11 -16.18
C TYR A 879 10.58 47.40 -15.74
N VAL A 880 9.83 48.30 -15.12
CA VAL A 880 10.42 49.48 -14.51
C VAL A 880 11.36 49.03 -13.39
N GLN A 881 12.58 49.58 -13.38
CA GLN A 881 13.58 49.18 -12.41
C GLN A 881 13.37 49.96 -11.11
N VAL A 882 13.40 49.24 -9.99
CA VAL A 882 13.07 49.78 -8.68
C VAL A 882 14.29 49.62 -7.79
N PRO A 883 14.67 50.62 -6.98
CA PRO A 883 15.76 50.38 -6.02
C PRO A 883 15.40 49.24 -5.08
N LEU A 884 16.39 48.37 -4.81
CA LEU A 884 16.25 47.33 -3.81
C LEU A 884 15.54 47.86 -2.58
N TYR A 885 16.11 48.91 -1.98
CA TYR A 885 15.62 49.39 -0.70
C TYR A 885 14.16 49.76 -0.78
N THR A 886 13.76 50.47 -1.82
CA THR A 886 12.37 50.90 -1.78
C THR A 886 11.45 49.76 -2.16
N LYS A 887 11.96 48.76 -2.89
CA LYS A 887 11.21 47.51 -3.11
C LYS A 887 11.01 46.72 -1.81
N ILE A 888 12.01 46.66 -0.93
CA ILE A 888 11.82 46.06 0.39
C ILE A 888 10.68 46.77 1.15
N ILE A 889 10.69 48.12 1.17
CA ILE A 889 9.61 48.85 1.86
C ILE A 889 8.26 48.49 1.22
N LYS A 890 8.18 48.63 -0.10
CA LYS A 890 6.94 48.33 -0.81
C LYS A 890 6.41 46.94 -0.41
N LEU A 891 7.28 45.92 -0.44
CA LEU A 891 6.85 44.57 -0.12
C LEU A 891 6.42 44.46 1.34
N PHE A 892 7.19 45.04 2.26
CA PHE A 892 6.78 45.03 3.66
C PHE A 892 5.42 45.72 3.87
N VAL A 893 5.16 46.85 3.19
CA VAL A 893 3.87 47.50 3.47
C VAL A 893 2.72 46.62 2.95
N SER A 894 2.89 45.98 1.79
CA SER A 894 1.88 45.04 1.30
C SER A 894 1.66 43.86 2.24
N GLU A 895 2.74 43.24 2.72
CA GLU A 895 2.57 42.21 3.73
C GLU A 895 1.83 42.74 4.95
N LEU A 896 2.20 43.93 5.42
CA LEU A 896 1.62 44.44 6.66
C LEU A 896 0.16 44.85 6.46
N SER A 897 -0.17 45.36 5.28
CA SER A 897 -1.57 45.61 4.92
C SER A 897 -2.40 44.32 5.01
N PHE A 898 -2.01 43.28 4.26
CA PHE A 898 -2.72 42.01 4.27
C PHE A 898 -2.74 41.39 5.67
N GLN A 899 -1.62 41.45 6.38
CA GLN A 899 -1.48 40.68 7.61
C GLN A 899 -2.26 41.25 8.79
N SER A 900 -2.67 42.52 8.73
CA SER A 900 -3.39 43.14 9.83
C SER A 900 -4.88 43.29 9.57
N LYS A 901 -5.34 43.01 8.34
CA LYS A 901 -6.74 42.72 8.09
C LYS A 901 -7.07 41.40 8.78
N GLN A 902 -7.57 41.47 10.01
CA GLN A 902 -7.51 40.37 10.99
C GLN A 902 -8.47 39.22 10.64
N PRO A 903 -8.33 38.02 11.32
CA PRO A 903 -8.59 36.73 10.64
C PRO A 903 -9.92 36.49 9.93
N ASN A 904 -9.90 35.42 9.12
CA ASN A 904 -11.09 34.73 8.64
C ASN A 904 -11.72 33.96 9.79
N PRO A 905 -13.04 34.09 10.01
CA PRO A 905 -13.64 33.54 11.25
C PRO A 905 -13.29 32.09 11.56
N GLU A 906 -13.37 31.20 10.58
CA GLU A 906 -13.17 29.78 10.79
C GLU A 906 -11.71 29.38 10.56
N GLN A 907 -11.20 28.47 11.38
CA GLN A 907 -9.84 27.93 11.24
C GLN A 907 -9.79 26.54 11.90
N LEU A 908 -8.58 25.95 11.95
CA LEU A 908 -8.39 24.57 12.38
C LEU A 908 -8.21 24.42 13.90
N ILE A 909 -7.56 25.38 14.56
CA ILE A 909 -7.22 25.31 15.98
C ILE A 909 -7.91 26.46 16.72
N THR A 910 -8.00 26.32 18.05
CA THR A 910 -8.63 27.27 19.00
C THR A 910 -9.98 27.76 18.52
N THR A 961 9.15 24.59 6.99
CA THR A 961 9.52 25.34 8.20
C THR A 961 10.74 26.23 7.90
N GLY A 962 11.71 26.29 8.82
CA GLY A 962 12.88 27.12 8.60
C GLY A 962 13.98 26.82 9.60
N LEU A 963 15.06 27.62 9.51
CA LEU A 963 16.29 27.38 10.26
C LEU A 963 16.48 28.32 11.45
N MET A 964 15.72 29.41 11.53
CA MET A 964 15.84 30.39 12.62
C MET A 964 14.54 30.46 13.40
N ASP A 965 14.67 30.66 14.70
CA ASP A 965 13.54 30.73 15.62
C ASP A 965 13.20 32.21 15.87
N VAL A 966 12.02 32.62 15.40
CA VAL A 966 11.56 33.99 15.55
C VAL A 966 10.15 33.98 16.13
N LYS A 967 9.96 34.66 17.26
CA LYS A 967 8.77 34.53 18.11
C LYS A 967 7.67 35.53 17.75
N GLU A 968 8.04 36.74 17.36
CA GLU A 968 7.07 37.76 17.02
C GLU A 968 6.22 37.30 15.83
N SER A 969 4.95 37.69 15.85
CA SER A 969 4.14 37.60 14.64
C SER A 969 4.81 38.32 13.49
N VAL A 970 4.43 38.00 12.26
CA VAL A 970 4.86 38.81 11.12
C VAL A 970 4.43 40.26 11.30
N VAL A 971 3.24 40.48 11.87
CA VAL A 971 2.78 41.86 12.08
C VAL A 971 3.68 42.57 13.09
N GLN A 972 4.00 41.92 14.21
CA GLN A 972 4.92 42.53 15.17
C GLN A 972 6.28 42.81 14.55
N LEU A 973 6.79 41.89 13.73
CA LEU A 973 8.10 42.12 13.11
C LEU A 973 8.06 43.35 12.23
N LEU A 974 6.96 43.52 11.50
CA LEU A 974 6.90 44.57 10.51
C LEU A 974 6.69 45.94 11.16
N VAL A 975 5.83 46.02 12.17
CA VAL A 975 5.62 47.30 12.84
C VAL A 975 6.86 47.70 13.59
N ARG A 976 7.55 46.76 14.24
CA ARG A 976 8.77 47.11 14.96
C ARG A 976 9.86 47.56 13.99
N PHE A 977 9.87 47.01 12.79
CA PHE A 977 10.81 47.45 11.78
C PHE A 977 10.49 48.87 11.33
N PHE A 978 9.23 49.12 10.98
CA PHE A 978 8.84 50.41 10.43
C PHE A 978 8.94 51.53 11.48
N LYS A 979 8.53 51.23 12.71
CA LYS A 979 8.69 52.18 13.79
C LYS A 979 10.15 52.61 13.91
N GLU A 980 11.08 51.68 13.69
CA GLU A 980 12.46 52.07 13.92
C GLU A 980 13.07 52.77 12.71
N VAL A 981 12.65 52.42 11.49
CA VAL A 981 13.20 53.16 10.37
C VAL A 981 12.49 54.50 10.22
N ALA A 982 11.23 54.61 10.69
CA ALA A 982 10.61 55.93 10.78
C ALA A 982 11.29 56.77 11.84
N SER A 983 11.47 56.22 13.04
CA SER A 983 12.01 56.98 14.15
C SER A 983 13.40 57.53 13.85
N LYS A 984 14.18 56.91 12.98
CA LYS A 984 15.52 57.47 12.75
C LYS A 984 15.90 57.62 11.30
N ASP A 985 14.95 57.71 10.37
CA ASP A 985 15.29 57.96 8.97
C ASP A 985 16.33 56.95 8.43
N VAL A 986 16.17 55.67 8.78
CA VAL A 986 17.15 54.66 8.38
C VAL A 986 17.25 54.57 6.87
N SER A 987 18.48 54.66 6.35
CA SER A 987 18.76 54.43 4.92
C SER A 987 17.81 55.20 4.01
N GLY A 988 17.73 56.51 4.21
CA GLY A 988 16.95 57.33 3.31
C GLY A 988 15.46 57.08 3.35
N PHE A 989 14.93 56.61 4.48
CA PHE A 989 13.52 56.26 4.54
C PHE A 989 12.61 57.43 4.21
N HIS A 990 13.04 58.67 4.55
CA HIS A 990 12.20 59.82 4.23
C HIS A 990 12.03 59.98 2.72
N CYS A 991 13.11 59.79 1.95
CA CYS A 991 12.96 59.77 0.48
C CYS A 991 12.01 58.67 0.04
N ILE A 992 12.26 57.43 0.47
CA ILE A 992 11.43 56.30 0.04
C ILE A 992 9.98 56.58 0.34
N TYR A 993 9.72 57.12 1.53
CA TYR A 993 8.37 57.25 2.04
C TYR A 993 7.56 58.30 1.29
N GLU A 994 8.23 59.34 0.75
CA GLU A 994 7.50 60.29 -0.09
C GLU A 994 7.23 59.72 -1.48
N THR A 995 8.06 58.79 -1.96
CA THR A 995 7.74 58.08 -3.21
C THR A 995 6.60 57.08 -3.05
N LEU A 996 6.30 56.65 -1.82
CA LEU A 996 5.18 55.75 -1.61
C LEU A 996 3.88 56.38 -2.10
N SER A 997 2.93 55.53 -2.50
CA SER A 997 1.60 56.02 -2.81
C SER A 997 0.88 56.46 -1.52
N ASP A 998 -0.28 57.08 -1.69
CA ASP A 998 -1.09 57.39 -0.51
C ASP A 998 -1.59 56.11 0.15
N SER A 999 -2.05 55.15 -0.66
CA SER A 999 -2.53 53.88 -0.15
C SER A 999 -1.48 53.21 0.75
N GLU A 1000 -0.27 53.00 0.20
CA GLU A 1000 0.81 52.41 0.98
C GLU A 1000 1.05 53.21 2.25
N ARG A 1001 0.98 54.53 2.12
CA ARG A 1001 1.32 55.44 3.19
C ARG A 1001 0.30 55.42 4.32
N LYS A 1002 -0.97 55.16 4.02
CA LYS A 1002 -1.96 55.01 5.07
C LYS A 1002 -1.70 53.74 5.88
N VAL A 1003 -1.47 52.60 5.18
CA VAL A 1003 -1.09 51.33 5.80
C VAL A 1003 0.01 51.55 6.83
N LEU A 1004 1.01 52.35 6.45
CA LEU A 1004 2.17 52.56 7.29
C LEU A 1004 1.81 53.30 8.58
N SER A 1005 1.04 54.38 8.48
CA SER A 1005 0.82 55.19 9.66
C SER A 1005 -0.36 54.71 10.51
N GLU A 1006 -1.29 53.95 9.93
CA GLU A 1006 -2.28 53.26 10.76
C GLU A 1006 -1.62 52.21 11.64
N ALA A 1007 -0.88 51.26 11.04
CA ALA A 1007 -0.18 50.23 11.80
C ALA A 1007 0.75 50.84 12.84
N LEU A 1008 1.29 52.03 12.57
CA LEU A 1008 2.12 52.75 13.52
C LEU A 1008 1.31 53.72 14.38
N LEU A 1009 0.05 53.41 14.67
CA LEU A 1009 -0.80 54.30 15.47
C LEU A 1009 -0.89 53.83 16.91
#